data_1NJ9
#
_entry.id   1NJ9
#
_cell.length_a   37.5
_cell.length_b   108.4
_cell.length_c   111.3
_cell.angle_alpha   90
_cell.angle_beta   90
_cell.angle_gamma   90
#
_symmetry.space_group_name_H-M   'P 1 21 1'
#
loop_
_entity.id
_entity.type
_entity.pdbx_description
1 polymer 'immunoglobulin variable chain'
2 polymer 'immunoglobulin heavy chain'
3 non-polymer 'SODIUM ION'
4 water water
#
loop_
_entity_poly.entity_id
_entity_poly.type
_entity_poly.pdbx_seq_one_letter_code
_entity_poly.pdbx_strand_id
1 'polypeptide(L)'
;QAVVTQESALTTSPGETVTLTCRSSTGTITSDNYANWVQEKPDHLFSGLIGVNNARPPGVPARFSGSLTGDKAVLTITGA
QTEDEAIYFCALWYSNHWVFGGGTKLTVLGQPKSSPSVTLFPPSSEELETNKATLVCTITDFYPGVVTVDWKVDGTPVTQ
GMETTQPSKQSNNKYMASSYLTLTAREWERHSSYSCQVTHEGHTVEKSLSRA
;
L,A
2 'polypeptide(L)'
;EVQLQQSGPELVKPGASVKVSCKASGYSFTDYNMYWVKQNHGESLEWIAYIDPSNGDTFYNQKFQGKATVTLDKSSSTAF
MHLNSLTSEDSAVYYCARGGGLFAFWGQGTLVTVSAKTTPPSVYPLAPGSAAQTNSMVTLGCLVKGYFPEPVTVTWNSGS
LSSGVHTFPAVLQSDLYTLSSSVTVPSSPRPSETVTCNVAHPASSTKVDKKIVPR
;
H,B
#
# COMPACT_ATOMS: atom_id res chain seq x y z
N GLN A 1 15.56 -28.12 -32.07
CA GLN A 1 15.06 -28.14 -33.46
C GLN A 1 13.60 -28.48 -33.48
N ALA A 2 13.25 -29.73 -33.63
CA ALA A 2 11.83 -29.93 -33.68
C ALA A 2 11.04 -29.95 -32.40
N VAL A 3 9.88 -30.56 -32.58
CA VAL A 3 8.86 -30.69 -31.58
C VAL A 3 8.80 -32.12 -31.07
N VAL A 4 9.27 -32.31 -29.84
CA VAL A 4 9.25 -33.63 -29.23
C VAL A 4 7.85 -33.73 -28.63
N THR A 5 7.06 -34.64 -29.18
CA THR A 5 5.69 -34.82 -28.74
C THR A 5 5.51 -35.94 -27.72
N GLN A 6 5.02 -35.56 -26.55
CA GLN A 6 4.77 -36.51 -25.49
C GLN A 6 3.34 -36.43 -25.05
N GLU A 7 2.90 -37.46 -24.36
CA GLU A 7 1.56 -37.55 -23.82
C GLU A 7 1.48 -36.49 -22.79
N SER A 8 0.33 -35.85 -22.63
CA SER A 8 0.28 -34.84 -21.60
C SER A 8 0.16 -35.49 -20.24
N ALA A 9 -0.84 -36.36 -20.07
CA ALA A 9 -1.06 -37.04 -18.79
C ALA A 9 -1.77 -38.36 -18.96
N LEU A 10 -1.24 -39.41 -18.35
CA LEU A 10 -1.85 -40.72 -18.42
C LEU A 10 -1.94 -41.33 -17.03
N THR A 11 -2.95 -42.17 -16.84
CA THR A 11 -3.21 -42.82 -15.56
C THR A 11 -3.30 -44.35 -15.75
N THR A 12 -2.88 -45.12 -14.75
CA THR A 12 -2.95 -46.57 -14.86
C THR A 12 -3.07 -47.21 -13.48
N SER A 13 -3.14 -48.54 -13.43
CA SER A 13 -3.26 -49.21 -12.13
C SER A 13 -2.23 -50.32 -11.98
N PRO A 14 -1.79 -50.58 -10.75
CA PRO A 14 -0.81 -51.61 -10.44
C PRO A 14 -1.11 -52.93 -11.15
N GLY A 15 -0.09 -53.54 -11.73
CA GLY A 15 -0.29 -54.78 -12.42
C GLY A 15 -0.61 -54.56 -13.88
N GLU A 16 -0.81 -53.30 -14.27
CA GLU A 16 -1.10 -53.03 -15.68
C GLU A 16 0.15 -52.54 -16.38
N THR A 17 0.14 -52.63 -17.70
CA THR A 17 1.25 -52.19 -18.52
C THR A 17 0.89 -50.87 -19.19
N VAL A 18 1.76 -49.88 -19.05
CA VAL A 18 1.47 -48.58 -19.64
C VAL A 18 2.43 -48.21 -20.77
N THR A 19 1.88 -47.54 -21.78
CA THR A 19 2.68 -47.13 -22.93
C THR A 19 2.75 -45.62 -23.12
N LEU A 20 3.99 -45.12 -23.12
CA LEU A 20 4.27 -43.70 -23.32
C LEU A 20 5.00 -43.56 -24.65
N THR A 21 4.75 -42.46 -25.38
CA THR A 21 5.41 -42.22 -26.66
C THR A 21 6.07 -40.84 -26.64
N CYS A 22 6.95 -40.57 -27.60
CA CYS A 22 7.69 -39.31 -27.72
C CYS A 22 7.95 -39.11 -29.18
N ARG A 23 7.25 -38.17 -29.81
CA ARG A 23 7.42 -38.01 -31.25
C ARG A 23 8.39 -36.94 -31.76
N SER A 24 9.18 -37.30 -32.76
CA SER A 24 10.12 -36.38 -33.37
C SER A 24 9.44 -35.80 -34.59
N SER A 25 9.45 -34.49 -34.73
CA SER A 25 8.80 -33.88 -35.88
C SER A 25 9.66 -33.93 -37.13
N THR A 26 10.96 -34.17 -36.96
CA THR A 26 11.87 -34.24 -38.10
C THR A 26 11.71 -35.59 -38.79
N GLY A 27 10.96 -36.49 -38.17
CA GLY A 27 10.75 -37.80 -38.77
C GLY A 27 11.29 -39.03 -38.04
N THR A 28 11.81 -39.98 -38.81
CA THR A 28 12.33 -41.21 -38.24
C THR A 28 13.39 -40.88 -37.18
N ILE A 29 13.19 -41.50 -36.03
CA ILE A 29 14.01 -41.32 -34.85
C ILE A 29 15.10 -42.42 -34.79
N THR A 30 16.36 -42.00 -34.88
CA THR A 30 17.51 -42.91 -34.88
C THR A 30 18.48 -42.75 -33.72
N SER A 31 19.54 -43.56 -33.76
CA SER A 31 20.58 -43.56 -32.75
C SER A 31 21.31 -42.22 -32.72
N ASP A 32 21.23 -41.46 -33.80
CA ASP A 32 21.88 -40.15 -33.89
C ASP A 32 21.18 -39.08 -33.06
N ASN A 33 20.09 -39.49 -32.43
CA ASN A 33 19.28 -38.61 -31.58
C ASN A 33 19.58 -38.93 -30.13
N TYR A 34 20.18 -40.10 -29.91
CA TYR A 34 20.50 -40.58 -28.57
C TYR A 34 19.31 -40.38 -27.63
N ALA A 35 18.16 -40.87 -28.03
CA ALA A 35 16.96 -40.78 -27.21
C ALA A 35 17.21 -41.15 -25.71
N ASN A 36 16.96 -40.21 -24.78
CA ASN A 36 17.13 -40.34 -23.31
C ASN A 36 15.76 -40.20 -22.58
N TRP A 37 15.52 -40.91 -21.47
CA TRP A 37 14.25 -40.68 -20.79
C TRP A 37 14.58 -40.36 -19.32
N VAL A 38 13.95 -39.34 -18.74
CA VAL A 38 14.23 -39.06 -17.35
C VAL A 38 12.95 -39.15 -16.56
N GLN A 39 13.10 -39.34 -15.26
CA GLN A 39 11.94 -39.45 -14.41
C GLN A 39 11.93 -38.33 -13.37
N GLU A 40 10.78 -37.71 -13.19
CA GLU A 40 10.68 -36.66 -12.19
C GLU A 40 9.57 -36.98 -11.20
N LYS A 41 9.98 -37.47 -10.04
CA LYS A 41 9.02 -37.77 -9.00
C LYS A 41 8.63 -36.44 -8.39
N PRO A 42 7.34 -36.28 -8.06
CA PRO A 42 6.80 -35.05 -7.48
C PRO A 42 7.42 -34.43 -6.19
N ASP A 43 8.69 -34.06 -6.18
CA ASP A 43 9.31 -33.35 -5.05
C ASP A 43 10.31 -32.62 -5.90
N HIS A 44 9.92 -32.44 -7.16
CA HIS A 44 10.72 -31.81 -8.18
C HIS A 44 12.05 -32.59 -8.18
N LEU A 45 11.88 -33.90 -7.92
CA LEU A 45 12.97 -34.92 -7.86
C LEU A 45 13.25 -35.67 -9.22
N PHE A 46 14.42 -35.41 -9.80
CA PHE A 46 14.84 -35.99 -11.09
C PHE A 46 15.84 -37.14 -11.11
N SER A 47 15.66 -38.04 -12.07
CA SER A 47 16.56 -39.17 -12.25
C SER A 47 16.48 -39.75 -13.64
N GLY A 48 17.62 -40.25 -14.11
CA GLY A 48 17.70 -40.86 -15.42
C GLY A 48 17.06 -42.24 -15.43
N LEU A 49 16.30 -42.53 -16.49
CA LEU A 49 15.58 -43.78 -16.62
C LEU A 49 16.11 -44.76 -17.66
N ILE A 50 16.34 -44.25 -18.87
CA ILE A 50 16.88 -45.09 -19.94
C ILE A 50 17.62 -44.16 -20.90
N GLY A 51 18.76 -44.60 -21.41
CA GLY A 51 19.49 -43.79 -22.39
C GLY A 51 19.72 -44.67 -23.61
N VAL A 52 20.59 -44.21 -24.48
CA VAL A 52 20.98 -44.92 -25.68
C VAL A 52 19.82 -45.63 -26.42
N ASN A 53 18.59 -45.15 -26.29
CA ASN A 53 17.43 -45.78 -26.95
C ASN A 53 17.29 -47.23 -26.48
N ASN A 54 18.15 -47.63 -25.56
CA ASN A 54 18.15 -48.99 -25.02
C ASN A 54 18.54 -49.11 -23.53
N ALA A 55 19.83 -48.94 -23.25
CA ALA A 55 20.44 -49.00 -21.91
C ALA A 55 19.51 -48.87 -20.67
N ARG A 56 19.48 -49.88 -19.78
CA ARG A 56 18.54 -49.86 -18.65
C ARG A 56 18.87 -49.24 -17.24
N PRO A 57 19.66 -49.95 -16.40
CA PRO A 57 20.21 -49.68 -15.06
C PRO A 57 21.16 -48.83 -14.22
N PRO A 58 20.62 -48.04 -13.34
CA PRO A 58 21.74 -47.47 -12.58
C PRO A 58 21.30 -48.43 -11.42
N GLY A 59 19.99 -48.72 -11.46
CA GLY A 59 19.27 -49.63 -10.58
C GLY A 59 17.80 -49.36 -10.86
N VAL A 60 17.54 -49.25 -12.16
CA VAL A 60 16.21 -48.98 -12.73
C VAL A 60 15.50 -50.31 -12.94
N PRO A 61 14.27 -50.49 -12.41
CA PRO A 61 13.48 -51.73 -12.53
C PRO A 61 13.45 -52.36 -13.93
N ALA A 62 13.39 -53.69 -13.94
CA ALA A 62 13.35 -54.44 -15.20
C ALA A 62 12.07 -54.12 -15.95
N ARG A 63 11.05 -53.72 -15.19
CA ARG A 63 9.74 -53.39 -15.77
C ARG A 63 9.67 -52.13 -16.64
N PHE A 64 10.68 -51.27 -16.55
CA PHE A 64 10.70 -50.07 -17.37
C PHE A 64 11.49 -50.39 -18.64
N SER A 65 10.84 -50.27 -19.80
CA SER A 65 11.51 -50.58 -21.05
C SER A 65 11.31 -49.55 -22.17
N GLY A 66 12.43 -49.04 -22.68
CA GLY A 66 12.39 -48.06 -23.74
C GLY A 66 12.65 -48.65 -25.11
N SER A 67 12.17 -47.98 -26.15
CA SER A 67 12.32 -48.47 -27.52
C SER A 67 12.26 -47.38 -28.56
N LEU A 68 12.36 -47.77 -29.83
CA LEU A 68 12.32 -46.83 -30.97
C LEU A 68 11.26 -47.35 -31.90
N THR A 69 10.10 -46.70 -31.91
CA THR A 69 9.00 -47.16 -32.76
C THR A 69 9.01 -46.98 -34.27
N GLY A 70 9.48 -45.84 -34.73
CA GLY A 70 9.48 -45.60 -36.15
C GLY A 70 9.66 -44.12 -36.22
N ASP A 71 8.63 -43.33 -35.91
CA ASP A 71 8.86 -41.90 -35.94
C ASP A 71 8.79 -41.29 -34.55
N LYS A 72 8.99 -42.15 -33.55
CA LYS A 72 8.96 -41.72 -32.17
C LYS A 72 9.49 -42.78 -31.21
N ALA A 73 9.83 -42.36 -29.99
CA ALA A 73 10.35 -43.26 -28.98
C ALA A 73 9.20 -43.64 -28.05
N VAL A 74 9.26 -44.86 -27.52
CA VAL A 74 8.22 -45.36 -26.62
C VAL A 74 8.80 -45.95 -25.34
N LEU A 75 8.25 -45.54 -24.21
CA LEU A 75 8.67 -46.05 -22.90
C LEU A 75 7.53 -46.92 -22.41
N THR A 76 7.72 -48.24 -22.41
CA THR A 76 6.66 -49.11 -21.94
C THR A 76 6.98 -49.49 -20.50
N ILE A 77 5.95 -49.47 -19.66
CA ILE A 77 6.07 -49.84 -18.27
C ILE A 77 5.18 -51.07 -18.16
N THR A 78 5.81 -52.24 -18.06
CA THR A 78 5.08 -53.50 -17.97
C THR A 78 5.04 -53.95 -16.51
N GLY A 79 3.84 -53.99 -15.94
CA GLY A 79 3.69 -54.38 -14.55
C GLY A 79 3.81 -53.12 -13.73
N ALA A 80 3.06 -52.09 -14.17
CA ALA A 80 3.05 -50.77 -13.55
C ALA A 80 2.75 -50.73 -12.05
N GLN A 81 3.64 -50.09 -11.30
CA GLN A 81 3.48 -49.94 -9.86
C GLN A 81 3.05 -48.53 -9.51
N THR A 82 2.74 -48.30 -8.24
CA THR A 82 2.29 -46.99 -7.77
C THR A 82 3.43 -45.97 -7.65
N GLU A 83 4.60 -46.46 -7.29
CA GLU A 83 5.78 -45.62 -7.12
C GLU A 83 6.36 -45.20 -8.46
N ASP A 84 5.70 -45.61 -9.55
CA ASP A 84 6.14 -45.24 -10.87
C ASP A 84 5.43 -43.94 -11.17
N GLU A 85 4.42 -43.64 -10.36
CA GLU A 85 3.69 -42.42 -10.53
C GLU A 85 4.77 -41.37 -10.28
N ALA A 86 4.97 -40.59 -11.36
CA ALA A 86 5.93 -39.50 -11.57
C ALA A 86 5.67 -38.83 -12.96
N ILE A 87 6.54 -37.90 -13.35
CA ILE A 87 6.45 -37.23 -14.68
C ILE A 87 7.63 -37.67 -15.54
N TYR A 88 7.32 -38.23 -16.71
CA TYR A 88 8.34 -38.73 -17.61
C TYR A 88 8.69 -37.80 -18.77
N PHE A 89 9.96 -37.44 -18.85
CA PHE A 89 10.44 -36.57 -19.90
C PHE A 89 11.34 -37.29 -20.88
N CYS A 90 11.20 -36.94 -22.14
CA CYS A 90 11.96 -37.52 -23.24
C CYS A 90 12.92 -36.48 -23.76
N ALA A 91 13.93 -36.91 -24.50
CA ALA A 91 14.88 -35.97 -25.05
C ALA A 91 15.50 -36.49 -26.33
N LEU A 92 15.41 -35.70 -27.39
CA LEU A 92 15.98 -36.09 -28.66
C LEU A 92 17.14 -35.17 -28.97
N TRP A 93 18.17 -35.73 -29.57
CA TRP A 93 19.35 -34.94 -29.89
C TRP A 93 19.45 -34.60 -31.37
N TYR A 94 19.44 -33.31 -31.68
CA TYR A 94 19.60 -32.89 -33.07
C TYR A 94 20.80 -32.02 -32.94
N SER A 95 21.57 -31.85 -33.98
CA SER A 95 22.74 -31.21 -33.52
C SER A 95 23.08 -29.84 -33.13
N ASN A 96 23.69 -30.13 -32.00
CA ASN A 96 24.34 -29.38 -31.01
C ASN A 96 23.25 -28.92 -30.11
N HIS A 97 22.08 -29.55 -30.21
CA HIS A 97 20.95 -29.17 -29.36
C HIS A 97 20.13 -30.32 -28.78
N TRP A 98 19.64 -30.12 -27.54
CA TRP A 98 18.82 -31.11 -26.84
C TRP A 98 17.41 -30.58 -26.71
N VAL A 99 16.42 -31.37 -27.11
CA VAL A 99 15.02 -30.97 -27.01
C VAL A 99 14.27 -32.02 -26.18
N PHE A 100 13.67 -31.58 -25.07
CA PHE A 100 12.91 -32.48 -24.19
C PHE A 100 11.43 -32.44 -24.56
N GLY A 101 10.70 -33.55 -24.34
CA GLY A 101 9.29 -33.59 -24.64
C GLY A 101 8.51 -32.75 -23.64
N GLY A 102 7.20 -32.63 -23.82
CA GLY A 102 6.43 -31.84 -22.87
C GLY A 102 6.43 -32.46 -21.48
N GLY A 103 6.53 -33.79 -21.46
CA GLY A 103 6.53 -34.52 -20.21
C GLY A 103 5.21 -35.27 -20.07
N THR A 104 5.27 -36.58 -19.83
CA THR A 104 4.05 -37.36 -19.67
C THR A 104 3.73 -37.56 -18.21
N LYS A 105 2.59 -37.01 -17.80
CA LYS A 105 2.11 -37.07 -16.44
C LYS A 105 1.41 -38.40 -16.16
N LEU A 106 2.10 -39.33 -15.50
CA LEU A 106 1.49 -40.62 -15.21
C LEU A 106 1.02 -40.80 -13.77
N THR A 107 -0.29 -40.98 -13.62
CA THR A 107 -0.89 -41.18 -12.30
C THR A 107 -1.19 -42.66 -12.12
N VAL A 108 -0.76 -43.21 -10.99
CA VAL A 108 -1.03 -44.61 -10.70
C VAL A 108 -1.98 -44.66 -9.52
N LEU A 109 -3.22 -45.02 -9.83
CA LEU A 109 -4.25 -45.12 -8.82
C LEU A 109 -3.88 -46.30 -7.93
N GLY A 110 -3.53 -45.93 -6.71
CA GLY A 110 -3.13 -46.87 -5.67
C GLY A 110 -3.88 -46.59 -4.37
N GLN A 111 -5.14 -46.17 -4.49
CA GLN A 111 -6.00 -45.92 -3.33
C GLN A 111 -7.42 -45.69 -3.85
N PRO A 112 -8.41 -46.06 -3.05
CA PRO A 112 -9.81 -45.92 -3.41
C PRO A 112 -10.24 -44.51 -3.74
N LYS A 113 -11.22 -44.42 -4.64
CA LYS A 113 -11.73 -43.13 -5.03
C LYS A 113 -12.52 -42.55 -3.87
N SER A 114 -12.03 -41.40 -3.43
CA SER A 114 -12.58 -40.63 -2.34
C SER A 114 -13.08 -39.32 -2.94
N SER A 115 -14.08 -38.76 -2.28
CA SER A 115 -14.69 -37.53 -2.72
C SER A 115 -14.28 -36.33 -1.86
N PRO A 116 -14.46 -35.12 -2.40
CA PRO A 116 -14.10 -33.89 -1.70
C PRO A 116 -15.15 -33.33 -0.73
N SER A 117 -14.67 -32.76 0.36
CA SER A 117 -15.53 -32.13 1.36
C SER A 117 -15.27 -30.66 1.09
N VAL A 118 -16.26 -29.97 0.55
CA VAL A 118 -16.11 -28.55 0.24
C VAL A 118 -16.73 -27.66 1.31
N THR A 119 -16.06 -26.55 1.63
CA THR A 119 -16.58 -25.61 2.63
C THR A 119 -16.41 -24.20 2.07
N LEU A 120 -17.55 -23.54 1.82
CA LEU A 120 -17.51 -22.21 1.26
C LEU A 120 -17.46 -21.10 2.31
N PHE A 121 -16.51 -20.18 2.14
CA PHE A 121 -16.35 -19.04 3.02
C PHE A 121 -16.65 -17.75 2.28
N PRO A 122 -17.38 -16.84 2.93
CA PRO A 122 -17.75 -15.55 2.36
C PRO A 122 -16.66 -14.57 2.75
N PRO A 123 -16.68 -13.36 2.17
CA PRO A 123 -15.64 -12.38 2.52
C PRO A 123 -15.70 -11.99 3.98
N SER A 124 -14.55 -11.75 4.58
CA SER A 124 -14.47 -11.39 5.99
C SER A 124 -14.91 -9.95 6.26
N SER A 125 -14.91 -9.60 7.54
CA SER A 125 -15.28 -8.26 8.01
C SER A 125 -14.21 -7.26 7.61
N GLU A 126 -13.03 -7.51 8.18
CA GLU A 126 -11.81 -6.72 7.99
C GLU A 126 -11.48 -6.50 6.52
N GLU A 127 -11.70 -7.55 5.74
CA GLU A 127 -11.44 -7.55 4.31
C GLU A 127 -12.41 -6.71 3.50
N LEU A 128 -13.70 -6.89 3.76
CA LEU A 128 -14.68 -6.12 3.01
C LEU A 128 -14.49 -4.62 3.15
N GLU A 129 -13.83 -4.16 4.22
CA GLU A 129 -13.62 -2.73 4.33
C GLU A 129 -12.50 -2.34 3.38
N THR A 130 -11.79 -3.32 2.83
CA THR A 130 -10.71 -3.01 1.90
C THR A 130 -11.22 -2.94 0.46
N ASN A 131 -12.54 -2.85 0.33
CA ASN A 131 -13.20 -2.76 -0.98
C ASN A 131 -13.12 -4.06 -1.75
N LYS A 132 -12.65 -5.10 -1.06
CA LYS A 132 -12.48 -6.41 -1.67
C LYS A 132 -13.31 -7.50 -0.99
N ALA A 133 -13.81 -8.45 -1.79
CA ALA A 133 -14.59 -9.54 -1.24
C ALA A 133 -14.10 -10.86 -1.80
N THR A 134 -13.26 -11.55 -1.02
CA THR A 134 -12.72 -12.84 -1.44
C THR A 134 -13.53 -14.00 -0.87
N LEU A 135 -14.07 -14.82 -1.76
CA LEU A 135 -14.84 -16.00 -1.39
C LEU A 135 -13.81 -17.12 -1.46
N VAL A 136 -13.82 -18.03 -0.50
CA VAL A 136 -12.88 -19.16 -0.55
C VAL A 136 -13.62 -20.48 -0.44
N CYS A 137 -13.25 -21.40 -1.32
CA CYS A 137 -13.85 -22.72 -1.40
C CYS A 137 -12.79 -23.79 -1.19
N THR A 138 -12.73 -24.37 0.00
CA THR A 138 -11.72 -25.39 0.25
C THR A 138 -12.19 -26.79 -0.20
N ILE A 139 -11.27 -27.52 -0.81
CA ILE A 139 -11.53 -28.88 -1.28
C ILE A 139 -10.54 -29.81 -0.63
N THR A 140 -11.09 -30.70 0.18
CA THR A 140 -10.29 -31.61 0.96
C THR A 140 -10.64 -33.12 0.89
N ASP A 141 -9.58 -33.90 1.06
CA ASP A 141 -9.58 -35.35 1.09
C ASP A 141 -10.20 -35.98 -0.14
N PHE A 142 -9.72 -35.55 -1.30
CA PHE A 142 -10.23 -36.12 -2.54
C PHE A 142 -9.19 -36.93 -3.31
N TYR A 143 -9.53 -38.17 -3.65
CA TYR A 143 -8.67 -39.00 -4.45
C TYR A 143 -9.56 -39.56 -5.54
N PRO A 144 -9.08 -39.53 -6.81
CA PRO A 144 -7.77 -39.01 -7.19
C PRO A 144 -7.68 -37.49 -7.07
N GLY A 145 -6.48 -36.96 -7.28
CA GLY A 145 -6.25 -35.53 -7.14
C GLY A 145 -6.56 -34.59 -8.30
N VAL A 146 -7.72 -34.74 -8.92
CA VAL A 146 -8.11 -33.89 -10.03
C VAL A 146 -9.51 -33.31 -9.83
N VAL A 147 -9.63 -31.99 -9.79
CA VAL A 147 -10.95 -31.35 -9.69
C VAL A 147 -10.98 -30.03 -10.45
N THR A 148 -12.17 -29.72 -10.93
CA THR A 148 -12.49 -28.51 -11.65
C THR A 148 -13.48 -27.84 -10.72
N VAL A 149 -13.40 -26.52 -10.58
CA VAL A 149 -14.30 -25.82 -9.65
C VAL A 149 -15.11 -24.72 -10.32
N ASP A 150 -16.42 -24.89 -10.34
CA ASP A 150 -17.29 -23.91 -10.99
C ASP A 150 -18.07 -22.96 -10.09
N TRP A 151 -18.06 -21.68 -10.45
CA TRP A 151 -18.81 -20.70 -9.68
C TRP A 151 -19.96 -20.18 -10.52
N LYS A 152 -20.95 -19.63 -9.82
CA LYS A 152 -22.14 -19.01 -10.39
C LYS A 152 -22.52 -18.00 -9.32
N VAL A 153 -22.76 -16.76 -9.72
CA VAL A 153 -23.18 -15.75 -8.76
C VAL A 153 -24.64 -15.45 -9.02
N ASP A 154 -25.49 -15.73 -8.03
CA ASP A 154 -26.92 -15.53 -8.19
C ASP A 154 -27.35 -16.33 -9.42
N GLY A 155 -26.87 -17.57 -9.47
CA GLY A 155 -27.18 -18.46 -10.57
C GLY A 155 -26.38 -18.15 -11.81
N THR A 156 -25.70 -17.00 -11.80
CA THR A 156 -24.90 -16.58 -12.95
C THR A 156 -23.51 -17.18 -13.02
N PRO A 157 -23.29 -18.09 -13.98
CA PRO A 157 -21.98 -18.73 -14.16
C PRO A 157 -20.88 -17.67 -14.25
N VAL A 158 -19.88 -17.83 -13.39
CA VAL A 158 -18.74 -16.92 -13.30
C VAL A 158 -17.56 -17.29 -14.21
N THR A 159 -17.07 -16.30 -14.96
CA THR A 159 -15.91 -16.51 -15.84
C THR A 159 -14.79 -15.67 -15.27
N GLN A 160 -15.11 -14.96 -14.19
CA GLN A 160 -14.15 -14.09 -13.53
C GLN A 160 -13.62 -14.54 -12.17
N GLY A 161 -12.46 -14.00 -11.82
CA GLY A 161 -11.81 -14.29 -10.55
C GLY A 161 -11.21 -15.68 -10.39
N MET A 162 -12.09 -16.67 -10.44
CA MET A 162 -11.78 -18.09 -10.32
C MET A 162 -10.32 -18.48 -10.24
N GLU A 163 -9.77 -18.42 -9.03
CA GLU A 163 -8.38 -18.80 -8.82
C GLU A 163 -8.39 -20.14 -8.09
N THR A 164 -8.35 -21.21 -8.89
CA THR A 164 -8.29 -22.58 -8.36
C THR A 164 -6.80 -22.97 -8.38
N THR A 165 -6.42 -23.88 -7.48
CA THR A 165 -5.05 -24.32 -7.38
C THR A 165 -4.91 -25.76 -7.84
N GLN A 166 -3.68 -26.22 -7.97
CA GLN A 166 -3.43 -27.60 -8.35
C GLN A 166 -3.50 -28.35 -7.04
N PRO A 167 -4.12 -29.53 -7.03
CA PRO A 167 -4.23 -30.33 -5.80
C PRO A 167 -2.89 -30.75 -5.21
N SER A 168 -2.68 -30.46 -3.94
CA SER A 168 -1.45 -30.84 -3.25
C SER A 168 -1.85 -32.04 -2.43
N LYS A 169 -0.94 -33.01 -2.29
CA LYS A 169 -1.27 -34.21 -1.53
C LYS A 169 -1.26 -33.99 -0.02
N GLN A 170 -2.08 -34.77 0.67
CA GLN A 170 -2.21 -34.68 2.11
C GLN A 170 -1.50 -35.87 2.75
N SER A 171 -1.30 -35.78 4.06
CA SER A 171 -0.64 -36.82 4.85
C SER A 171 -1.25 -38.19 4.60
N ASN A 172 -2.56 -38.19 4.39
CA ASN A 172 -3.35 -39.39 4.15
C ASN A 172 -3.28 -39.80 2.68
N ASN A 173 -2.36 -39.19 1.95
CA ASN A 173 -2.18 -39.47 0.53
C ASN A 173 -3.28 -38.89 -0.36
N LYS A 174 -4.40 -38.47 0.23
CA LYS A 174 -5.45 -37.87 -0.58
C LYS A 174 -5.00 -36.46 -0.92
N TYR A 175 -5.83 -35.75 -1.67
CA TYR A 175 -5.50 -34.39 -2.06
C TYR A 175 -6.43 -33.34 -1.45
N MET A 176 -5.99 -32.08 -1.53
CA MET A 176 -6.70 -30.92 -1.01
C MET A 176 -6.36 -29.74 -1.91
N ALA A 177 -7.18 -28.69 -1.88
CA ALA A 177 -6.96 -27.50 -2.69
C ALA A 177 -8.08 -26.50 -2.45
N SER A 178 -7.93 -25.28 -2.95
CA SER A 178 -9.01 -24.31 -2.79
C SER A 178 -9.12 -23.46 -4.02
N SER A 179 -10.24 -22.77 -4.11
CA SER A 179 -10.54 -21.91 -5.24
C SER A 179 -10.98 -20.58 -4.64
N TYR A 180 -10.47 -19.49 -5.19
CA TYR A 180 -10.78 -18.16 -4.67
C TYR A 180 -11.65 -17.33 -5.62
N LEU A 181 -12.53 -16.52 -5.05
CA LEU A 181 -13.37 -15.63 -5.85
C LEU A 181 -13.21 -14.24 -5.28
N THR A 182 -12.42 -13.42 -5.97
CA THR A 182 -12.15 -12.06 -5.52
C THR A 182 -12.90 -11.07 -6.40
N LEU A 183 -13.31 -9.96 -5.82
CA LEU A 183 -14.06 -8.91 -6.51
C LEU A 183 -14.23 -7.76 -5.53
N THR A 184 -15.00 -6.75 -5.91
CA THR A 184 -15.16 -5.61 -5.04
C THR A 184 -16.38 -5.73 -4.18
N ALA A 185 -16.36 -4.97 -3.08
CA ALA A 185 -17.46 -4.95 -2.11
C ALA A 185 -18.79 -4.64 -2.80
N ARG A 186 -18.77 -3.64 -3.67
CA ARG A 186 -19.98 -3.26 -4.40
C ARG A 186 -20.57 -4.50 -5.07
N GLU A 187 -19.72 -5.28 -5.73
CA GLU A 187 -20.15 -6.52 -6.38
C GLU A 187 -20.75 -7.42 -5.32
N TRP A 188 -19.98 -7.64 -4.26
CA TRP A 188 -20.41 -8.48 -3.16
C TRP A 188 -21.77 -8.07 -2.63
N GLU A 189 -21.91 -6.78 -2.35
CA GLU A 189 -23.15 -6.21 -1.81
C GLU A 189 -24.21 -6.07 -2.90
N ARG A 190 -23.93 -6.63 -4.07
CA ARG A 190 -24.82 -6.53 -5.22
C ARG A 190 -25.71 -7.75 -5.48
N HIS A 191 -25.25 -8.93 -5.07
CA HIS A 191 -25.98 -10.16 -5.29
C HIS A 191 -26.48 -10.80 -4.00
N SER A 192 -26.96 -12.04 -4.08
CA SER A 192 -27.44 -12.73 -2.89
C SER A 192 -26.78 -14.10 -2.73
N SER A 193 -26.84 -14.91 -3.78
CA SER A 193 -26.24 -16.24 -3.75
C SER A 193 -24.91 -16.35 -4.50
N TYR A 194 -23.95 -17.01 -3.87
CA TYR A 194 -22.63 -17.23 -4.46
C TYR A 194 -22.35 -18.70 -4.27
N SER A 195 -22.17 -19.43 -5.37
CA SER A 195 -21.95 -20.86 -5.28
C SER A 195 -20.68 -21.41 -5.92
N CYS A 196 -20.11 -22.41 -5.25
CA CYS A 196 -18.91 -23.08 -5.72
C CYS A 196 -19.28 -24.55 -5.91
N GLN A 197 -19.22 -25.05 -7.13
CA GLN A 197 -19.52 -26.45 -7.36
C GLN A 197 -18.29 -27.17 -7.92
N VAL A 198 -17.77 -28.09 -7.11
CA VAL A 198 -16.58 -28.83 -7.46
C VAL A 198 -16.79 -30.08 -8.31
N THR A 199 -15.95 -30.21 -9.33
CA THR A 199 -15.99 -31.33 -10.25
C THR A 199 -14.85 -32.32 -9.99
N HIS A 200 -15.18 -33.53 -9.59
CA HIS A 200 -14.19 -34.58 -9.37
C HIS A 200 -14.93 -35.75 -10.03
N GLU A 201 -14.57 -35.98 -11.30
CA GLU A 201 -15.16 -36.99 -12.21
C GLU A 201 -16.54 -36.53 -12.67
N GLY A 202 -17.47 -37.47 -12.79
CA GLY A 202 -18.80 -37.11 -13.24
C GLY A 202 -19.76 -36.65 -12.14
N HIS A 203 -19.26 -36.06 -11.06
CA HIS A 203 -20.16 -35.58 -10.01
C HIS A 203 -19.76 -34.18 -9.54
N THR A 204 -20.70 -33.25 -9.57
CA THR A 204 -20.40 -31.89 -9.15
C THR A 204 -21.00 -31.52 -7.80
N VAL A 205 -20.13 -31.37 -6.80
CA VAL A 205 -20.54 -31.01 -5.45
C VAL A 205 -20.61 -29.50 -5.35
N GLU A 206 -21.83 -28.96 -5.29
CA GLU A 206 -22.03 -27.52 -5.18
C GLU A 206 -22.02 -27.05 -3.72
N LYS A 207 -21.69 -25.79 -3.51
CA LYS A 207 -21.65 -25.20 -2.17
C LYS A 207 -21.98 -23.72 -2.27
N SER A 208 -23.15 -23.36 -1.76
CA SER A 208 -23.64 -21.99 -1.81
C SER A 208 -23.83 -21.31 -0.46
N LEU A 209 -24.23 -20.04 -0.54
CA LEU A 209 -24.53 -19.20 0.61
C LEU A 209 -25.29 -17.98 0.13
N SER A 210 -26.27 -17.55 0.91
CA SER A 210 -27.00 -16.36 0.55
C SER A 210 -26.59 -15.41 1.66
N ARG A 211 -25.66 -14.51 1.35
CA ARG A 211 -25.21 -13.55 2.34
C ARG A 211 -26.40 -12.68 2.72
N ALA A 212 -27.12 -12.24 1.69
CA ALA A 212 -28.32 -11.43 1.82
C ALA A 212 -29.11 -11.63 0.54
N GLU B 1 27.13 -43.04 -3.58
CA GLU B 1 28.13 -41.99 -3.27
C GLU B 1 27.90 -40.76 -4.16
N VAL B 2 27.53 -41.01 -5.41
CA VAL B 2 27.32 -39.91 -6.35
C VAL B 2 26.35 -38.87 -5.83
N GLN B 3 26.83 -37.64 -5.77
CA GLN B 3 26.04 -36.52 -5.28
C GLN B 3 26.27 -35.23 -6.08
N LEU B 4 25.19 -34.61 -6.54
CA LEU B 4 25.25 -33.36 -7.28
C LEU B 4 24.55 -32.33 -6.40
N GLN B 5 25.25 -31.95 -5.34
CA GLN B 5 24.78 -30.99 -4.37
C GLN B 5 24.80 -29.58 -4.98
N GLN B 6 23.61 -29.18 -5.38
CA GLN B 6 23.32 -27.89 -5.95
C GLN B 6 23.12 -26.72 -4.94
N SER B 7 23.52 -25.55 -5.42
CA SER B 7 23.50 -24.31 -4.69
C SER B 7 22.11 -23.81 -4.33
N GLY B 8 22.12 -23.08 -3.23
CA GLY B 8 20.91 -22.46 -2.68
C GLY B 8 20.03 -21.65 -3.65
N PRO B 9 18.72 -21.59 -3.37
CA PRO B 9 17.75 -20.86 -4.20
C PRO B 9 18.13 -19.40 -4.30
N GLU B 10 17.78 -18.80 -5.43
CA GLU B 10 18.08 -17.41 -5.68
C GLU B 10 16.84 -16.53 -5.80
N LEU B 11 17.06 -15.21 -5.69
CA LEU B 11 16.02 -14.20 -5.79
C LEU B 11 16.74 -12.93 -6.21
N VAL B 12 16.34 -12.30 -7.32
CA VAL B 12 17.03 -11.07 -7.74
C VAL B 12 16.05 -10.11 -8.40
N LYS B 13 16.56 -8.94 -8.77
CA LYS B 13 15.75 -7.96 -9.46
C LYS B 13 16.22 -8.05 -10.91
N PRO B 14 15.37 -7.64 -11.86
CA PRO B 14 15.71 -7.68 -13.28
C PRO B 14 17.05 -6.98 -13.56
N GLY B 15 17.72 -7.39 -14.63
CA GLY B 15 18.99 -6.78 -14.97
C GLY B 15 20.11 -7.37 -14.15
N ALA B 16 19.75 -8.13 -13.13
CA ALA B 16 20.75 -8.76 -12.26
C ALA B 16 21.29 -10.03 -12.91
N SER B 17 22.35 -10.58 -12.34
CA SER B 17 22.97 -11.79 -12.86
C SER B 17 23.26 -12.78 -11.73
N VAL B 18 23.00 -14.06 -11.98
CA VAL B 18 23.25 -15.08 -10.95
C VAL B 18 24.23 -16.15 -11.42
N LYS B 19 24.88 -16.80 -10.45
CA LYS B 19 25.82 -17.88 -10.73
C LYS B 19 25.42 -19.08 -9.90
N VAL B 20 25.13 -20.19 -10.57
CA VAL B 20 24.74 -21.40 -9.85
C VAL B 20 25.92 -22.33 -9.69
N SER B 21 26.08 -22.88 -8.48
CA SER B 21 27.17 -23.79 -8.21
C SER B 21 26.59 -25.21 -8.12
N CYS B 22 27.31 -26.18 -8.67
CA CYS B 22 26.86 -27.57 -8.66
C CYS B 22 27.97 -28.47 -8.18
N LYS B 23 28.06 -28.75 -6.88
CA LYS B 23 29.16 -29.63 -6.51
C LYS B 23 28.77 -31.10 -6.71
N ALA B 24 29.74 -31.85 -7.19
CA ALA B 24 29.54 -33.27 -7.47
C ALA B 24 30.47 -34.18 -6.67
N SER B 25 29.95 -35.34 -6.30
CA SER B 25 30.69 -36.33 -5.52
C SER B 25 30.20 -37.70 -5.93
N GLY B 26 30.98 -38.73 -5.59
CA GLY B 26 30.58 -40.09 -5.93
C GLY B 26 30.97 -40.65 -7.30
N TYR B 27 31.70 -39.89 -8.10
CA TYR B 27 32.13 -40.34 -9.42
C TYR B 27 33.30 -39.52 -9.92
N SER B 28 33.92 -39.98 -11.00
CA SER B 28 35.05 -39.28 -11.58
C SER B 28 34.53 -38.08 -12.36
N PHE B 29 35.00 -36.90 -11.97
CA PHE B 29 34.60 -35.63 -12.56
C PHE B 29 34.97 -35.40 -14.03
N THR B 30 36.10 -35.96 -14.45
CA THR B 30 36.59 -35.77 -15.81
C THR B 30 35.98 -36.69 -16.87
N ASP B 31 35.41 -37.81 -16.42
CA ASP B 31 34.81 -38.79 -17.33
C ASP B 31 33.45 -38.46 -17.91
N TYR B 32 32.76 -37.50 -17.31
CA TYR B 32 31.42 -37.20 -17.82
C TYR B 32 31.11 -35.73 -18.06
N ASN B 33 30.19 -35.50 -19.00
CA ASN B 33 29.74 -34.15 -19.35
C ASN B 33 28.73 -33.67 -18.31
N MET B 34 28.72 -32.37 -18.04
CA MET B 34 27.75 -31.83 -17.10
C MET B 34 26.78 -30.96 -17.89
N TYR B 35 25.49 -31.19 -17.70
CA TYR B 35 24.47 -30.43 -18.43
C TYR B 35 23.69 -29.48 -17.53
N TRP B 36 23.41 -28.29 -18.03
CA TRP B 36 22.67 -27.29 -17.28
C TRP B 36 21.29 -27.13 -17.88
N VAL B 37 20.31 -27.81 -17.30
CA VAL B 37 18.96 -27.74 -17.81
C VAL B 37 18.08 -26.73 -17.07
N LYS B 38 17.10 -26.21 -17.79
CA LYS B 38 16.19 -25.22 -17.25
C LYS B 38 14.74 -25.65 -17.27
N GLN B 39 14.13 -25.69 -16.09
CA GLN B 39 12.74 -26.04 -15.95
C GLN B 39 11.98 -24.81 -15.52
N ASN B 40 11.10 -24.30 -16.39
CA ASN B 40 10.32 -23.14 -16.01
C ASN B 40 8.88 -23.56 -15.78
N HIS B 41 8.29 -22.92 -14.78
CA HIS B 41 6.93 -23.15 -14.32
C HIS B 41 5.96 -23.47 -15.46
N GLY B 42 5.63 -24.75 -15.58
CA GLY B 42 4.70 -25.20 -16.61
C GLY B 42 5.34 -25.60 -17.93
N GLU B 43 6.29 -24.82 -18.42
CA GLU B 43 6.92 -25.11 -19.69
C GLU B 43 7.94 -26.23 -19.56
N SER B 44 8.02 -26.80 -18.35
CA SER B 44 8.93 -27.89 -18.07
C SER B 44 10.39 -27.67 -18.45
N LEU B 45 11.06 -28.79 -18.68
CA LEU B 45 12.49 -28.82 -19.02
C LEU B 45 12.98 -28.16 -20.31
N GLU B 46 14.19 -27.60 -20.20
CA GLU B 46 14.85 -26.89 -21.29
C GLU B 46 16.36 -27.05 -21.25
N TRP B 47 16.96 -27.55 -22.32
CA TRP B 47 18.42 -27.68 -22.31
C TRP B 47 19.00 -26.31 -22.54
N ILE B 48 20.01 -25.97 -21.75
CA ILE B 48 20.68 -24.68 -21.84
C ILE B 48 22.05 -24.80 -22.47
N ALA B 49 22.89 -25.65 -21.89
CA ALA B 49 24.25 -25.86 -22.36
C ALA B 49 24.93 -27.01 -21.63
N TYR B 50 26.14 -27.35 -22.03
CA TYR B 50 26.89 -28.39 -21.33
C TYR B 50 28.38 -28.14 -21.49
N ILE B 51 29.13 -28.54 -20.48
CA ILE B 51 30.57 -28.34 -20.49
C ILE B 51 31.23 -29.70 -20.40
N ASP B 52 32.31 -29.89 -21.14
CA ASP B 52 32.99 -31.16 -21.08
C ASP B 52 34.32 -31.03 -20.34
N PRO B 53 34.39 -31.62 -19.15
CA PRO B 53 35.63 -31.56 -18.36
C PRO B 53 36.66 -32.31 -19.20
N SER B 54 36.13 -33.27 -19.95
CA SER B 54 36.91 -34.16 -20.82
C SER B 54 37.60 -33.49 -22.02
N ASN B 55 37.23 -32.23 -22.30
CA ASN B 55 37.80 -31.46 -23.40
C ASN B 55 37.88 -30.03 -23.00
N GLY B 56 37.27 -29.69 -21.87
CA GLY B 56 37.39 -28.33 -21.38
C GLY B 56 36.33 -27.52 -22.02
N ASP B 57 36.11 -27.74 -23.31
CA ASP B 57 35.07 -26.98 -24.08
C ASP B 57 33.58 -27.07 -23.65
N THR B 58 32.88 -25.94 -23.79
CA THR B 58 31.47 -25.81 -23.44
C THR B 58 30.55 -25.72 -24.68
N PHE B 59 29.31 -26.18 -24.52
CA PHE B 59 28.33 -26.17 -25.61
C PHE B 59 27.05 -25.50 -25.13
N TYR B 60 26.61 -24.49 -25.87
CA TYR B 60 25.42 -23.71 -25.52
C TYR B 60 24.22 -23.80 -26.46
N ASN B 61 23.02 -23.62 -25.91
CA ASN B 61 21.82 -23.61 -26.73
C ASN B 61 21.92 -22.20 -27.26
N GLN B 62 21.71 -21.99 -28.55
CA GLN B 62 21.85 -20.63 -29.08
C GLN B 62 20.88 -19.61 -28.49
N LYS B 63 19.72 -20.07 -28.01
CA LYS B 63 18.73 -19.19 -27.41
C LYS B 63 19.15 -18.79 -25.99
N PHE B 64 20.30 -19.32 -25.57
CA PHE B 64 20.83 -19.07 -24.22
C PHE B 64 22.27 -18.55 -24.24
N GLN B 65 22.95 -18.81 -25.35
CA GLN B 65 24.34 -18.41 -25.59
C GLN B 65 24.80 -17.16 -24.87
N GLY B 66 24.06 -16.07 -25.06
CA GLY B 66 24.42 -14.80 -24.45
C GLY B 66 23.93 -14.59 -23.03
N LYS B 67 22.91 -15.34 -22.62
CA LYS B 67 22.35 -15.20 -21.28
C LYS B 67 23.13 -15.98 -20.22
N ALA B 68 23.39 -17.25 -20.50
CA ALA B 68 24.11 -18.09 -19.54
C ALA B 68 25.53 -18.45 -19.97
N THR B 69 26.34 -18.84 -18.99
CA THR B 69 27.72 -19.23 -19.25
C THR B 69 28.20 -20.30 -18.27
N VAL B 70 28.72 -21.37 -18.86
CA VAL B 70 29.21 -22.55 -18.15
C VAL B 70 30.71 -22.54 -17.88
N THR B 71 31.10 -22.80 -16.64
CA THR B 71 32.52 -22.89 -16.31
C THR B 71 32.71 -24.08 -15.38
N LEU B 72 33.92 -24.63 -15.36
CA LEU B 72 34.19 -25.79 -14.54
C LEU B 72 35.27 -25.49 -13.51
N ASP B 73 35.11 -26.05 -12.32
CA ASP B 73 36.09 -25.86 -11.27
C ASP B 73 36.66 -27.22 -10.92
N LYS B 74 37.54 -27.71 -11.79
CA LYS B 74 38.18 -28.99 -11.62
C LYS B 74 38.84 -29.18 -10.26
N SER B 75 39.53 -28.13 -9.78
CA SER B 75 40.22 -28.19 -8.50
C SER B 75 39.29 -28.67 -7.38
N SER B 76 38.00 -28.35 -7.49
CA SER B 76 37.02 -28.77 -6.49
C SER B 76 35.99 -29.66 -7.11
N SER B 77 36.11 -29.86 -8.42
CA SER B 77 35.16 -30.66 -9.17
C SER B 77 33.78 -30.02 -9.07
N THR B 78 33.70 -28.73 -9.39
CA THR B 78 32.42 -28.02 -9.34
C THR B 78 32.11 -27.24 -10.60
N ALA B 79 30.94 -27.50 -11.16
CA ALA B 79 30.49 -26.84 -12.37
C ALA B 79 29.73 -25.58 -12.01
N PHE B 80 29.77 -24.56 -12.86
CA PHE B 80 29.06 -23.32 -12.60
C PHE B 80 28.36 -22.82 -13.86
N MET B 81 27.19 -22.23 -13.67
CA MET B 81 26.41 -21.66 -14.77
C MET B 81 26.16 -20.22 -14.38
N HIS B 82 26.58 -19.29 -15.23
CA HIS B 82 26.35 -17.88 -14.93
C HIS B 82 25.18 -17.39 -15.76
N LEU B 83 24.30 -16.63 -15.12
CA LEU B 83 23.13 -16.06 -15.77
C LEU B 83 23.23 -14.55 -15.68
N ASN B 84 23.16 -13.89 -16.83
CA ASN B 84 23.27 -12.44 -16.92
C ASN B 84 21.99 -11.74 -17.37
N SER B 85 21.92 -10.44 -17.12
CA SER B 85 20.77 -9.62 -17.49
C SER B 85 19.45 -10.26 -17.16
N LEU B 86 19.37 -10.94 -16.01
CA LEU B 86 18.13 -11.62 -15.64
C LEU B 86 16.83 -10.84 -15.87
N THR B 87 15.79 -11.58 -16.24
CA THR B 87 14.47 -11.03 -16.49
C THR B 87 13.37 -11.94 -15.96
N SER B 88 12.13 -11.47 -16.07
CA SER B 88 10.94 -12.20 -15.62
C SER B 88 10.89 -13.65 -16.06
N GLU B 89 11.13 -13.88 -17.35
CA GLU B 89 11.09 -15.20 -17.94
C GLU B 89 12.32 -16.08 -17.63
N ASP B 90 13.27 -15.53 -16.89
CA ASP B 90 14.46 -16.28 -16.51
C ASP B 90 14.22 -16.91 -15.15
N SER B 91 13.02 -16.71 -14.62
CA SER B 91 12.64 -17.24 -13.31
C SER B 91 12.28 -18.73 -13.43
N ALA B 92 13.01 -19.58 -12.70
CA ALA B 92 12.79 -21.03 -12.75
C ALA B 92 13.81 -21.78 -11.92
N VAL B 93 13.77 -23.10 -12.06
CA VAL B 93 14.63 -24.01 -11.34
C VAL B 93 15.67 -24.47 -12.30
N TYR B 94 16.95 -24.31 -11.93
CA TYR B 94 18.04 -24.72 -12.81
C TYR B 94 18.72 -25.97 -12.30
N TYR B 95 18.78 -27.00 -13.15
CA TYR B 95 19.38 -28.29 -12.77
C TYR B 95 20.68 -28.63 -13.49
N CYS B 96 21.56 -29.35 -12.80
CA CYS B 96 22.80 -29.80 -13.41
C CYS B 96 22.69 -31.31 -13.40
N ALA B 97 22.86 -31.92 -14.57
CA ALA B 97 22.80 -33.38 -14.66
C ALA B 97 24.08 -33.83 -15.33
N ARG B 98 24.62 -34.95 -14.87
CA ARG B 98 25.85 -35.48 -15.43
C ARG B 98 25.54 -36.32 -16.65
N GLY B 99 26.56 -36.52 -17.48
CA GLY B 99 26.39 -37.30 -18.69
C GLY B 99 26.35 -38.80 -18.49
N GLY B 100 26.73 -39.50 -19.55
CA GLY B 100 26.75 -40.96 -19.59
C GLY B 100 26.05 -41.29 -20.88
N GLY B 101 25.22 -42.31 -20.87
CA GLY B 101 24.47 -42.65 -22.06
C GLY B 101 23.08 -42.16 -21.77
N LEU B 102 23.01 -41.12 -20.95
CA LEU B 102 21.74 -40.52 -20.53
C LEU B 102 21.94 -39.46 -19.44
N PHE B 103 20.86 -38.75 -19.07
CA PHE B 103 20.94 -37.75 -18.01
C PHE B 103 20.62 -38.56 -16.76
N ALA B 104 21.61 -39.35 -16.36
CA ALA B 104 21.53 -40.25 -15.23
C ALA B 104 21.38 -39.56 -13.89
N PHE B 105 22.41 -39.25 -13.13
CA PHE B 105 21.87 -38.58 -11.96
C PHE B 105 21.81 -37.05 -11.86
N TRP B 106 20.64 -36.51 -11.47
CA TRP B 106 20.48 -35.04 -11.43
C TRP B 106 20.70 -34.33 -10.11
N GLY B 107 20.74 -32.99 -10.16
CA GLY B 107 20.94 -32.24 -8.93
C GLY B 107 19.61 -32.08 -8.26
N GLN B 108 19.54 -31.41 -7.10
CA GLN B 108 18.24 -31.22 -6.44
C GLN B 108 17.50 -30.03 -7.03
N GLY B 109 18.24 -29.28 -7.84
CA GLY B 109 17.72 -28.10 -8.51
C GLY B 109 17.91 -26.83 -7.72
N THR B 110 18.04 -25.71 -8.42
CA THR B 110 18.17 -24.43 -7.74
C THR B 110 17.14 -23.49 -8.34
N LEU B 111 16.33 -22.88 -7.49
CA LEU B 111 15.31 -21.97 -7.97
C LEU B 111 15.81 -20.54 -8.04
N VAL B 112 15.44 -19.86 -9.12
CA VAL B 112 15.82 -18.48 -9.37
C VAL B 112 14.58 -17.65 -9.62
N THR B 113 14.39 -16.57 -8.86
CA THR B 113 13.22 -15.76 -9.11
C THR B 113 13.54 -14.28 -9.28
N VAL B 114 12.88 -13.69 -10.26
CA VAL B 114 13.05 -12.30 -10.58
C VAL B 114 11.68 -11.70 -10.54
N SER B 115 11.62 -10.49 -10.03
CA SER B 115 10.36 -9.84 -9.87
C SER B 115 10.49 -8.54 -9.16
N ALA B 116 9.32 -8.21 -8.64
CA ALA B 116 8.88 -7.01 -7.95
C ALA B 116 9.17 -6.77 -6.46
N LYS B 117 8.12 -6.47 -5.68
CA LYS B 117 8.31 -6.14 -4.25
C LYS B 117 7.84 -7.06 -3.08
N THR B 118 8.50 -6.85 -1.94
CA THR B 118 8.26 -7.59 -0.69
C THR B 118 7.06 -7.03 0.06
N THR B 119 6.14 -7.90 0.46
CA THR B 119 4.96 -7.44 1.16
C THR B 119 4.41 -8.47 2.13
N PRO B 120 4.31 -8.11 3.42
CA PRO B 120 3.77 -9.05 4.40
C PRO B 120 2.35 -9.28 3.97
N PRO B 121 1.77 -10.43 4.32
CA PRO B 121 0.39 -10.71 3.92
C PRO B 121 -0.63 -9.98 4.79
N SER B 122 -1.85 -9.80 4.27
CA SER B 122 -2.91 -9.21 5.05
C SER B 122 -3.81 -10.40 5.29
N VAL B 123 -3.86 -10.79 6.55
CA VAL B 123 -4.60 -11.95 6.99
C VAL B 123 -6.05 -11.67 7.41
N TYR B 124 -6.95 -12.49 6.91
CA TYR B 124 -8.36 -12.35 7.23
C TYR B 124 -8.94 -13.64 7.77
N PRO B 125 -9.90 -13.53 8.69
CA PRO B 125 -10.54 -14.69 9.30
C PRO B 125 -11.68 -15.22 8.44
N LEU B 126 -11.94 -16.50 8.52
CA LEU B 126 -13.04 -17.10 7.78
C LEU B 126 -13.80 -17.86 8.86
N ALA B 127 -15.02 -17.42 9.10
CA ALA B 127 -15.88 -18.03 10.11
C ALA B 127 -17.17 -18.57 9.49
N PRO B 128 -17.75 -19.62 10.11
CA PRO B 128 -18.98 -20.21 9.59
C PRO B 128 -20.06 -19.15 9.37
N GLY B 129 -20.82 -19.31 8.29
CA GLY B 129 -21.87 -18.36 7.95
C GLY B 129 -23.21 -18.63 8.61
N SER B 130 -23.22 -18.62 9.94
CA SER B 130 -24.41 -18.84 10.75
C SER B 130 -25.02 -20.22 10.54
N ALA B 131 -24.16 -21.20 10.28
CA ALA B 131 -24.58 -22.57 10.09
C ALA B 131 -24.65 -23.27 11.44
N ALA B 132 -23.56 -23.90 11.89
CA ALA B 132 -23.60 -24.62 13.15
C ALA B 132 -22.45 -25.60 13.33
N GLN B 133 -22.84 -26.88 13.11
CA GLN B 133 -22.08 -28.15 13.16
C GLN B 133 -22.93 -29.37 12.67
N THR B 134 -22.81 -29.74 11.38
CA THR B 134 -23.54 -30.90 10.79
C THR B 134 -23.06 -32.29 11.28
N ASN B 135 -21.79 -32.35 11.65
CA ASN B 135 -21.15 -33.56 12.14
C ASN B 135 -20.61 -33.24 13.52
N SER B 136 -21.03 -32.09 14.05
CA SER B 136 -20.63 -31.57 15.36
C SER B 136 -19.22 -31.01 15.21
N MET B 137 -18.77 -30.97 13.96
CA MET B 137 -17.45 -30.44 13.66
C MET B 137 -17.59 -29.18 12.80
N VAL B 138 -16.73 -28.19 13.08
CA VAL B 138 -16.76 -26.91 12.40
C VAL B 138 -15.43 -26.57 11.72
N THR B 139 -15.50 -25.91 10.57
CA THR B 139 -14.28 -25.54 9.85
C THR B 139 -14.06 -24.04 9.78
N LEU B 140 -12.93 -23.59 10.32
CA LEU B 140 -12.57 -22.17 10.29
C LEU B 140 -11.27 -22.08 9.52
N GLY B 141 -11.02 -20.93 8.91
CA GLY B 141 -9.80 -20.78 8.14
C GLY B 141 -9.18 -19.42 8.28
N CYS B 142 -8.17 -19.16 7.47
CA CYS B 142 -7.50 -17.88 7.49
C CYS B 142 -7.05 -17.49 6.10
N LEU B 143 -7.34 -16.25 5.73
CA LEU B 143 -6.95 -15.76 4.43
C LEU B 143 -5.64 -15.00 4.55
N VAL B 144 -4.58 -15.66 4.11
CA VAL B 144 -3.23 -15.13 4.10
C VAL B 144 -3.17 -14.60 2.70
N LYS B 145 -3.35 -13.28 2.61
CA LYS B 145 -3.45 -12.60 1.33
C LYS B 145 -2.47 -11.50 0.93
N GLY B 146 -2.15 -11.48 -0.37
CA GLY B 146 -1.27 -10.49 -0.95
C GLY B 146 0.09 -10.26 -0.33
N TYR B 147 0.92 -11.32 -0.26
CA TYR B 147 2.25 -11.18 0.31
C TYR B 147 3.35 -11.46 -0.71
N PHE B 148 4.60 -11.28 -0.29
CA PHE B 148 5.76 -11.49 -1.13
C PHE B 148 6.98 -11.18 -0.21
N PRO B 149 7.94 -12.14 -0.24
CA PRO B 149 7.78 -13.41 -1.03
C PRO B 149 7.10 -14.56 -0.26
N GLU B 150 7.42 -15.75 -0.73
CA GLU B 150 7.01 -17.02 -0.24
C GLU B 150 8.27 -17.38 0.55
N PRO B 151 8.14 -18.33 1.48
CA PRO B 151 6.88 -19.05 1.70
C PRO B 151 6.15 -18.46 2.92
N VAL B 152 4.92 -18.93 3.10
CA VAL B 152 4.07 -18.54 4.21
C VAL B 152 4.03 -19.72 5.15
N THR B 153 3.82 -19.46 6.44
CA THR B 153 3.75 -20.53 7.44
C THR B 153 2.53 -20.32 8.32
N VAL B 154 1.62 -21.29 8.30
CA VAL B 154 0.39 -21.18 9.08
C VAL B 154 0.20 -22.28 10.11
N THR B 155 -0.09 -21.89 11.34
CA THR B 155 -0.35 -22.86 12.41
C THR B 155 -1.66 -22.47 13.07
N TRP B 156 -2.27 -23.44 13.75
CA TRP B 156 -3.51 -23.20 14.44
C TRP B 156 -3.30 -23.39 15.92
N ASN B 157 -3.66 -22.35 16.67
CA ASN B 157 -3.49 -22.35 18.12
C ASN B 157 -2.08 -22.77 18.51
N SER B 158 -1.13 -22.15 17.85
CA SER B 158 0.29 -22.38 18.09
C SER B 158 0.79 -23.78 17.75
N GLY B 159 0.15 -24.45 16.81
CA GLY B 159 0.61 -25.78 16.46
C GLY B 159 0.12 -26.80 17.46
N SER B 160 -0.82 -26.38 18.29
CA SER B 160 -1.43 -27.22 19.30
C SER B 160 -2.66 -27.91 18.72
N LEU B 161 -3.20 -27.28 17.68
CA LEU B 161 -4.33 -27.81 16.93
C LEU B 161 -3.65 -28.09 15.58
N SER B 162 -3.13 -29.29 15.60
CA SER B 162 -2.43 -29.96 14.53
C SER B 162 -3.31 -30.88 13.56
N SER B 163 -4.31 -31.52 14.14
CA SER B 163 -5.20 -32.38 13.41
C SER B 163 -6.34 -31.50 12.93
N GLY B 164 -6.76 -31.72 11.70
CA GLY B 164 -7.84 -30.94 11.14
C GLY B 164 -7.35 -29.78 10.28
N VAL B 165 -6.05 -29.54 10.31
CA VAL B 165 -5.45 -28.44 9.55
C VAL B 165 -5.15 -28.78 8.09
N HIS B 166 -5.55 -27.87 7.21
CA HIS B 166 -5.33 -28.01 5.76
C HIS B 166 -4.80 -26.67 5.25
N THR B 167 -3.51 -26.59 4.94
CA THR B 167 -2.95 -25.36 4.42
C THR B 167 -2.68 -25.54 2.94
N PHE B 168 -3.41 -24.74 2.17
CA PHE B 168 -3.40 -24.75 0.72
C PHE B 168 -2.29 -24.03 -0.04
N PRO B 169 -2.08 -24.43 -1.30
CA PRO B 169 -1.04 -23.80 -2.12
C PRO B 169 -1.28 -22.31 -2.33
N ALA B 170 -0.21 -21.53 -2.34
CA ALA B 170 -0.33 -20.10 -2.53
C ALA B 170 -0.84 -19.92 -3.94
N VAL B 171 -1.30 -18.72 -4.24
CA VAL B 171 -1.84 -18.40 -5.54
C VAL B 171 -1.32 -17.01 -5.92
N LEU B 172 -1.07 -16.75 -7.19
CA LEU B 172 -0.61 -15.43 -7.59
C LEU B 172 -1.85 -14.68 -8.09
N GLN B 173 -2.27 -13.63 -7.39
CA GLN B 173 -3.45 -12.83 -7.81
C GLN B 173 -3.05 -11.54 -8.51
N SER B 174 -2.71 -10.54 -7.70
CA SER B 174 -2.28 -9.22 -8.14
C SER B 174 -0.76 -9.17 -8.08
N ASP B 175 -0.15 -10.17 -8.70
CA ASP B 175 1.31 -10.30 -8.73
C ASP B 175 1.93 -10.16 -7.32
N LEU B 176 1.26 -10.89 -6.42
CA LEU B 176 1.52 -11.09 -5.00
C LEU B 176 0.95 -12.48 -4.76
N TYR B 177 1.30 -13.13 -3.65
CA TYR B 177 0.78 -14.48 -3.38
C TYR B 177 -0.34 -14.53 -2.34
N THR B 178 -1.41 -15.26 -2.66
CA THR B 178 -2.51 -15.43 -1.71
C THR B 178 -2.57 -16.91 -1.33
N LEU B 179 -2.71 -17.15 -0.04
CA LEU B 179 -2.71 -18.49 0.51
C LEU B 179 -3.94 -18.82 1.36
N SER B 180 -4.04 -20.06 1.81
CA SER B 180 -5.20 -20.48 2.59
C SER B 180 -4.92 -21.63 3.56
N SER B 181 -5.47 -21.55 4.76
CA SER B 181 -5.32 -22.65 5.72
C SER B 181 -6.64 -22.81 6.44
N SER B 182 -6.95 -24.04 6.80
CA SER B 182 -8.21 -24.31 7.46
C SER B 182 -8.09 -25.33 8.56
N VAL B 183 -8.86 -25.14 9.62
CA VAL B 183 -8.86 -26.07 10.72
C VAL B 183 -10.28 -26.56 10.95
N THR B 184 -10.40 -27.84 11.31
CA THR B 184 -11.70 -28.41 11.59
C THR B 184 -11.61 -28.93 13.02
N VAL B 185 -12.60 -28.54 13.82
CA VAL B 185 -12.69 -28.90 15.23
C VAL B 185 -14.15 -29.20 15.57
N PRO B 186 -14.41 -29.64 16.81
CA PRO B 186 -15.81 -29.91 17.17
C PRO B 186 -16.49 -28.58 17.38
N SER B 187 -17.82 -28.57 17.38
CA SER B 187 -18.57 -27.34 17.59
C SER B 187 -18.53 -26.87 19.05
N SER B 188 -17.88 -27.64 19.91
CA SER B 188 -17.76 -27.28 21.33
C SER B 188 -16.55 -26.35 21.49
N PRO B 189 -15.39 -26.73 20.91
CA PRO B 189 -14.19 -25.90 21.03
C PRO B 189 -14.42 -24.45 20.61
N ARG B 190 -15.14 -24.27 19.51
CA ARG B 190 -15.44 -22.94 19.01
C ARG B 190 -16.91 -22.61 19.23
N PRO B 191 -17.20 -21.41 19.75
CA PRO B 191 -16.19 -20.41 20.11
C PRO B 191 -15.84 -20.39 21.59
N SER B 192 -16.26 -21.39 22.35
CA SER B 192 -15.94 -21.39 23.77
C SER B 192 -14.41 -21.30 23.95
N GLU B 193 -13.70 -22.26 23.38
CA GLU B 193 -12.24 -22.26 23.47
C GLU B 193 -11.67 -21.56 22.25
N THR B 194 -10.81 -20.58 22.53
CA THR B 194 -10.15 -19.78 21.51
C THR B 194 -9.53 -20.55 20.34
N VAL B 195 -9.70 -20.00 19.15
CA VAL B 195 -9.13 -20.59 17.94
C VAL B 195 -8.46 -19.47 17.14
N THR B 196 -7.16 -19.64 16.97
CA THR B 196 -6.31 -18.64 16.33
C THR B 196 -5.35 -19.20 15.27
N CYS B 197 -5.17 -18.48 14.17
CA CYS B 197 -4.23 -18.93 13.16
C CYS B 197 -3.01 -18.04 13.27
N ASN B 198 -1.84 -18.66 13.32
CA ASN B 198 -0.59 -17.93 13.43
C ASN B 198 0.14 -17.99 12.10
N VAL B 199 0.17 -16.88 11.36
CA VAL B 199 0.88 -16.90 10.09
C VAL B 199 2.24 -16.21 10.17
N ALA B 200 3.28 -16.93 9.78
CA ALA B 200 4.62 -16.41 9.80
C ALA B 200 5.07 -16.20 8.38
N HIS B 201 5.46 -14.96 8.11
CA HIS B 201 5.95 -14.60 6.75
C HIS B 201 7.42 -14.18 7.00
N PRO B 202 8.35 -15.09 6.77
CA PRO B 202 9.81 -14.93 6.94
C PRO B 202 10.50 -13.71 6.31
N ALA B 203 10.30 -13.47 5.02
CA ALA B 203 10.97 -12.36 4.35
C ALA B 203 10.67 -11.01 4.99
N SER B 204 9.64 -10.91 5.83
CA SER B 204 9.34 -9.63 6.45
C SER B 204 9.45 -9.57 7.96
N SER B 205 9.84 -10.68 8.58
CA SER B 205 9.98 -10.77 10.04
C SER B 205 8.61 -10.82 10.66
N THR B 206 7.62 -11.10 9.82
CA THR B 206 6.22 -11.19 10.28
C THR B 206 5.91 -12.47 11.08
N LYS B 207 5.01 -12.32 12.06
CA LYS B 207 4.49 -13.34 12.96
C LYS B 207 3.25 -12.62 13.46
N VAL B 208 2.12 -12.91 12.83
CA VAL B 208 0.86 -12.26 13.19
C VAL B 208 -0.25 -13.31 13.44
N ASP B 209 -1.09 -13.08 14.44
CA ASP B 209 -2.20 -14.00 14.71
C ASP B 209 -3.51 -13.37 14.27
N LYS B 210 -4.46 -14.25 13.99
CA LYS B 210 -5.79 -13.86 13.58
C LYS B 210 -6.76 -14.65 14.44
N LYS B 211 -7.33 -14.01 15.46
CA LYS B 211 -8.29 -14.68 16.32
C LYS B 211 -9.54 -14.80 15.45
N ILE B 212 -10.21 -15.95 15.51
CA ILE B 212 -11.43 -16.12 14.75
C ILE B 212 -12.64 -16.03 15.67
N VAL B 213 -13.45 -15.02 15.36
CA VAL B 213 -14.65 -14.63 16.06
C VAL B 213 -15.90 -14.85 15.19
N PRO B 214 -16.95 -15.48 15.73
CA PRO B 214 -18.20 -15.73 14.99
C PRO B 214 -18.67 -14.40 14.39
N ARG B 215 -19.24 -14.41 13.18
CA ARG B 215 -19.70 -13.16 12.55
C ARG B 215 -20.79 -12.46 13.37
N GLN C 1 -7.16 51.11 0.91
CA GLN C 1 -6.58 52.48 0.72
C GLN C 1 -5.24 52.64 1.41
N ALA C 2 -5.31 53.16 2.64
CA ALA C 2 -4.14 53.43 3.46
C ALA C 2 -3.62 52.21 4.21
N VAL C 3 -2.55 52.43 4.97
CA VAL C 3 -1.93 51.35 5.74
C VAL C 3 -2.33 51.42 7.21
N VAL C 4 -3.24 50.53 7.59
CA VAL C 4 -3.71 50.43 8.96
C VAL C 4 -2.68 49.48 9.54
N THR C 5 -1.84 50.02 10.41
CA THR C 5 -0.74 49.28 11.01
C THR C 5 -0.95 48.65 12.42
N GLN C 6 -0.86 47.33 12.50
CA GLN C 6 -1.02 46.62 13.77
C GLN C 6 0.22 45.83 14.14
N GLU C 7 0.33 45.48 15.42
CA GLU C 7 1.47 44.71 15.89
C GLU C 7 1.39 43.36 15.23
N SER C 8 2.50 42.90 14.70
CA SER C 8 2.50 41.59 14.06
C SER C 8 2.02 40.52 15.02
N ALA C 9 2.71 40.35 16.15
CA ALA C 9 2.32 39.31 17.10
C ALA C 9 2.69 39.64 18.54
N LEU C 10 1.83 39.25 19.48
CA LEU C 10 2.07 39.48 20.89
C LEU C 10 1.80 38.22 21.70
N THR C 11 2.45 38.09 22.85
CA THR C 11 2.23 36.93 23.70
C THR C 11 1.98 37.38 25.14
N THR C 12 1.06 36.68 25.81
CA THR C 12 0.72 37.01 27.19
C THR C 12 0.31 35.76 27.97
N SER C 13 -0.03 35.95 29.24
CA SER C 13 -0.45 34.84 30.09
C SER C 13 -1.74 35.23 30.79
N PRO C 14 -2.46 34.26 31.35
CA PRO C 14 -3.72 34.56 32.05
C PRO C 14 -3.53 35.64 33.10
N GLY C 15 -4.53 36.49 33.28
CA GLY C 15 -4.44 37.55 34.26
C GLY C 15 -3.71 38.75 33.71
N GLU C 16 -2.72 38.49 32.87
CA GLU C 16 -1.94 39.55 32.26
C GLU C 16 -2.79 40.51 31.43
N THR C 17 -2.28 41.74 31.32
CA THR C 17 -2.92 42.83 30.58
C THR C 17 -2.18 43.08 29.26
N VAL C 18 -2.92 43.18 28.18
CA VAL C 18 -2.34 43.39 26.87
C VAL C 18 -2.88 44.63 26.16
N THR C 19 -2.04 45.27 25.35
CA THR C 19 -2.46 46.44 24.60
C THR C 19 -2.04 46.32 23.13
N LEU C 20 -3.04 46.23 22.28
CA LEU C 20 -2.83 46.13 20.85
C LEU C 20 -3.15 47.48 20.22
N THR C 21 -2.33 47.90 19.26
CA THR C 21 -2.53 49.17 18.58
C THR C 21 -2.92 48.98 17.11
N CYS C 22 -3.50 50.03 16.54
CA CYS C 22 -3.94 50.07 15.15
C CYS C 22 -3.58 51.43 14.64
N ARG C 23 -2.54 51.60 13.82
CA ARG C 23 -2.32 53.00 13.40
C ARG C 23 -2.49 53.25 11.89
N SER C 24 -3.09 54.38 11.60
CA SER C 24 -3.36 54.79 10.23
C SER C 24 -2.22 55.54 9.57
N SER C 25 -2.08 55.33 8.27
CA SER C 25 -1.04 56.01 7.49
C SER C 25 -1.54 57.40 7.11
N THR C 26 -2.87 57.57 7.16
CA THR C 26 -3.50 58.84 6.82
C THR C 26 -3.41 59.84 7.98
N GLY C 27 -3.06 59.36 9.16
CA GLY C 27 -2.94 60.26 10.31
C GLY C 27 -3.78 59.89 11.53
N THR C 28 -4.19 60.91 12.29
CA THR C 28 -4.99 60.68 13.48
C THR C 28 -6.34 60.10 13.08
N ILE C 29 -6.68 58.97 13.70
CA ILE C 29 -7.92 58.28 13.43
C ILE C 29 -9.02 58.81 14.34
N THR C 30 -10.09 59.28 13.68
CA THR C 30 -11.23 59.86 14.37
C THR C 30 -12.51 59.07 14.26
N SER C 31 -13.52 59.62 14.92
CA SER C 31 -14.86 59.08 14.94
C SER C 31 -15.29 58.76 13.50
N ASP C 32 -14.79 59.51 12.52
CA ASP C 32 -15.15 59.31 11.11
C ASP C 32 -14.51 58.05 10.55
N ASN C 33 -13.70 57.40 11.37
CA ASN C 33 -12.96 56.18 10.96
C ASN C 33 -13.61 54.85 11.35
N TYR C 34 -14.67 54.97 12.15
CA TYR C 34 -15.42 53.82 12.65
C TYR C 34 -14.53 52.65 13.05
N ALA C 35 -13.41 52.95 13.70
CA ALA C 35 -12.48 51.93 14.17
C ALA C 35 -13.31 50.84 14.84
N ASN C 36 -12.99 49.59 14.55
CA ASN C 36 -13.73 48.47 15.08
C ASN C 36 -12.86 47.22 15.18
N TRP C 37 -13.27 46.26 16.01
CA TRP C 37 -12.46 45.04 16.17
C TRP C 37 -13.18 43.71 16.05
N VAL C 38 -12.55 42.76 15.34
CA VAL C 38 -13.09 41.42 15.18
C VAL C 38 -12.05 40.45 15.71
N GLN C 39 -12.47 39.23 16.01
CA GLN C 39 -11.57 38.23 16.55
C GLN C 39 -11.61 36.99 15.67
N GLU C 40 -10.45 36.46 15.31
CA GLU C 40 -10.44 35.26 14.51
C GLU C 40 -9.95 34.08 15.33
N LYS C 41 -10.90 33.28 15.79
CA LYS C 41 -10.59 32.10 16.58
C LYS C 41 -10.07 30.93 15.75
N PRO C 42 -9.29 30.04 16.40
CA PRO C 42 -8.68 28.85 15.82
C PRO C 42 -9.58 28.07 14.86
N ASP C 43 -9.43 28.37 13.57
CA ASP C 43 -10.15 27.77 12.44
C ASP C 43 -11.28 28.67 11.88
N HIS C 44 -10.82 29.84 11.46
CA HIS C 44 -11.62 30.90 10.86
C HIS C 44 -12.97 31.14 11.54
N LEU C 45 -12.92 31.49 12.81
CA LEU C 45 -14.09 31.81 13.59
C LEU C 45 -14.00 33.31 13.73
N PHE C 46 -14.87 34.01 13.00
CA PHE C 46 -14.89 35.48 13.01
C PHE C 46 -16.10 36.08 13.71
N SER C 47 -15.86 37.10 14.52
CA SER C 47 -16.93 37.77 15.25
C SER C 47 -16.51 39.15 15.73
N GLY C 48 -17.50 40.00 15.91
CA GLY C 48 -17.24 41.35 16.37
C GLY C 48 -16.82 41.37 17.82
N LEU C 49 -15.82 42.20 18.13
CA LEU C 49 -15.27 42.34 19.46
C LEU C 49 -15.76 43.60 20.12
N ILE C 50 -15.42 44.69 19.44
CA ILE C 50 -15.77 46.06 19.82
C ILE C 50 -15.95 46.89 18.52
N GLY C 51 -16.80 47.91 18.56
CA GLY C 51 -16.97 48.80 17.42
C GLY C 51 -16.79 50.26 17.86
N VAL C 52 -16.31 51.10 16.96
CA VAL C 52 -16.11 52.52 17.21
C VAL C 52 -15.08 52.79 18.31
N ASN C 53 -14.50 51.70 18.82
CA ASN C 53 -13.51 51.73 19.90
C ASN C 53 -14.10 52.21 21.21
N ASN C 54 -15.29 51.70 21.46
CA ASN C 54 -16.08 51.94 22.66
C ASN C 54 -17.24 50.95 22.66
N ALA C 55 -18.31 51.31 21.97
CA ALA C 55 -19.53 50.48 21.87
C ALA C 55 -19.30 48.98 21.79
N ARG C 56 -19.57 48.30 22.90
CA ARG C 56 -19.39 46.87 22.99
C ARG C 56 -20.65 46.09 22.64
N PRO C 57 -20.55 44.77 22.53
CA PRO C 57 -21.70 43.92 22.23
C PRO C 57 -21.83 43.19 23.54
N PRO C 58 -23.06 43.00 24.03
CA PRO C 58 -23.34 42.33 25.30
C PRO C 58 -22.95 40.85 25.45
N GLY C 59 -21.79 40.48 24.90
CA GLY C 59 -21.29 39.12 24.99
C GLY C 59 -19.82 39.17 25.37
N VAL C 60 -19.14 40.22 24.92
CA VAL C 60 -17.71 40.48 25.14
C VAL C 60 -17.32 40.77 26.59
N PRO C 61 -16.28 40.09 27.15
CA PRO C 61 -15.97 40.43 28.55
C PRO C 61 -15.72 41.90 28.78
N ALA C 62 -15.86 42.29 30.04
CA ALA C 62 -15.63 43.64 30.47
C ALA C 62 -14.14 43.96 30.29
N ARG C 63 -13.32 42.92 30.28
CA ARG C 63 -11.87 43.07 30.14
C ARG C 63 -11.44 43.61 28.78
N PHE C 64 -12.32 43.49 27.79
CA PHE C 64 -12.03 43.99 26.45
C PHE C 64 -12.48 45.44 26.34
N SER C 65 -11.56 46.34 26.03
CA SER C 65 -11.93 47.74 25.91
C SER C 65 -11.17 48.49 24.83
N GLY C 66 -11.93 49.14 23.95
CA GLY C 66 -11.34 49.90 22.87
C GLY C 66 -11.35 51.38 23.20
N SER C 67 -10.42 52.12 22.63
CA SER C 67 -10.30 53.55 22.86
C SER C 67 -9.45 54.19 21.75
N LEU C 68 -9.32 55.51 21.77
CA LEU C 68 -8.51 56.16 20.76
C LEU C 68 -7.49 57.03 21.45
N THR C 69 -6.32 56.44 21.72
CA THR C 69 -5.31 57.19 22.45
C THR C 69 -4.13 57.90 21.78
N GLY C 70 -3.41 57.33 20.83
CA GLY C 70 -2.33 58.16 20.32
C GLY C 70 -2.89 59.03 19.22
N ASP C 71 -2.72 58.46 18.05
CA ASP C 71 -3.18 58.98 16.78
C ASP C 71 -3.42 57.61 16.16
N LYS C 72 -3.92 56.67 16.98
CA LYS C 72 -4.24 55.30 16.54
C LYS C 72 -5.26 54.69 17.49
N ALA C 73 -5.91 53.61 17.06
CA ALA C 73 -6.89 52.94 17.90
C ALA C 73 -6.14 51.95 18.79
N VAL C 74 -6.65 51.73 19.99
CA VAL C 74 -6.02 50.84 20.95
C VAL C 74 -7.00 49.81 21.53
N LEU C 75 -6.58 48.55 21.57
CA LEU C 75 -7.41 47.49 22.14
C LEU C 75 -6.74 47.03 23.43
N THR C 76 -7.36 47.32 24.58
CA THR C 76 -6.77 46.88 25.82
C THR C 76 -7.53 45.63 26.29
N ILE C 77 -6.78 44.63 26.73
CA ILE C 77 -7.36 43.40 27.27
C ILE C 77 -6.75 43.23 28.65
N THR C 78 -7.43 43.80 29.64
CA THR C 78 -6.99 43.75 31.03
C THR C 78 -7.43 42.42 31.67
N GLY C 79 -6.45 41.60 32.03
CA GLY C 79 -6.78 40.31 32.63
C GLY C 79 -7.01 39.30 31.52
N ALA C 80 -6.15 39.36 30.52
CA ALA C 80 -6.21 38.48 29.35
C ALA C 80 -6.37 37.01 29.74
N GLN C 81 -7.34 36.35 29.11
CA GLN C 81 -7.62 34.94 29.34
C GLN C 81 -7.01 34.04 28.24
N THR C 82 -7.13 32.73 28.44
CA THR C 82 -6.59 31.77 27.46
C THR C 82 -7.42 31.72 26.19
N GLU C 83 -8.71 32.03 26.29
CA GLU C 83 -9.57 32.01 25.13
C GLU C 83 -9.44 33.32 24.34
N ASP C 84 -8.57 34.22 24.81
CA ASP C 84 -8.36 35.49 24.13
C ASP C 84 -7.30 35.24 23.08
N GLU C 85 -6.81 33.99 23.05
CA GLU C 85 -5.82 33.55 22.08
C GLU C 85 -6.58 33.33 20.77
N ALA C 86 -6.33 34.27 19.84
CA ALA C 86 -6.91 34.42 18.48
C ALA C 86 -6.10 35.52 17.71
N ILE C 87 -6.61 35.88 16.54
CA ILE C 87 -5.99 36.91 15.73
C ILE C 87 -6.94 38.09 15.75
N TYR C 88 -6.47 39.19 16.33
CA TYR C 88 -7.30 40.38 16.44
C TYR C 88 -7.12 41.38 15.31
N PHE C 89 -8.21 41.63 14.60
CA PHE C 89 -8.19 42.54 13.47
C PHE C 89 -8.84 43.88 13.76
N CYS C 90 -8.34 44.89 13.06
CA CYS C 90 -8.82 46.25 13.18
C CYS C 90 -9.39 46.61 11.83
N ALA C 91 -10.18 47.67 11.76
CA ALA C 91 -10.76 48.09 10.48
C ALA C 91 -11.10 49.56 10.53
N LEU C 92 -10.53 50.33 9.60
CA LEU C 92 -10.76 51.75 9.56
C LEU C 92 -11.53 52.12 8.30
N TRP C 93 -12.32 53.17 8.37
CA TRP C 93 -13.09 53.56 7.20
C TRP C 93 -12.53 54.82 6.58
N TYR C 94 -11.94 54.69 5.40
CA TYR C 94 -11.43 55.90 4.77
C TYR C 94 -12.38 56.20 3.73
N SER C 95 -12.20 57.28 3.01
CA SER C 95 -13.36 57.44 2.25
C SER C 95 -13.70 56.50 1.07
N ASN C 96 -14.84 55.91 1.40
CA ASN C 96 -15.66 54.92 0.72
C ASN C 96 -15.06 53.50 0.58
N HIS C 97 -14.15 53.15 1.48
CA HIS C 97 -13.52 51.84 1.55
C HIS C 97 -13.34 51.46 3.01
N TRP C 98 -13.27 50.16 3.28
CA TRP C 98 -13.02 49.61 4.61
C TRP C 98 -11.63 49.00 4.49
N VAL C 99 -10.70 49.45 5.33
CA VAL C 99 -9.35 48.91 5.28
C VAL C 99 -8.97 48.22 6.59
N PHE C 100 -8.55 46.95 6.47
CA PHE C 100 -8.13 46.12 7.61
C PHE C 100 -6.62 46.24 7.86
N GLY C 101 -6.20 46.00 9.10
CA GLY C 101 -4.79 46.09 9.43
C GLY C 101 -4.09 44.76 9.19
N GLY C 102 -2.79 44.67 9.48
CA GLY C 102 -2.07 43.43 9.26
C GLY C 102 -2.64 42.30 10.09
N GLY C 103 -3.29 42.67 11.19
CA GLY C 103 -3.88 41.69 12.10
C GLY C 103 -2.89 41.25 13.16
N THR C 104 -3.32 41.14 14.42
CA THR C 104 -2.41 40.69 15.46
C THR C 104 -2.89 39.41 16.12
N LYS C 105 -2.08 38.36 16.03
CA LYS C 105 -2.46 37.11 16.68
C LYS C 105 -1.88 37.16 18.07
N LEU C 106 -2.74 37.27 19.07
CA LEU C 106 -2.26 37.33 20.46
C LEU C 106 -2.23 35.94 21.09
N THR C 107 -1.04 35.58 21.54
CA THR C 107 -0.78 34.29 22.18
C THR C 107 -0.96 34.42 23.68
N VAL C 108 -1.65 33.46 24.29
CA VAL C 108 -1.84 33.43 25.74
C VAL C 108 -1.32 32.08 26.21
N LEU C 109 -0.19 32.10 26.91
CA LEU C 109 0.43 30.89 27.43
C LEU C 109 -0.54 30.15 28.36
N GLY C 110 -1.19 29.12 27.80
CA GLY C 110 -2.15 28.35 28.56
C GLY C 110 -1.69 27.03 29.15
N GLN C 111 -0.37 26.79 29.12
CA GLN C 111 0.18 25.55 29.66
C GLN C 111 1.69 25.67 29.64
N PRO C 112 2.39 24.81 30.39
CA PRO C 112 3.85 24.87 30.42
C PRO C 112 4.48 24.70 29.04
N LYS C 113 5.58 25.41 28.81
CA LYS C 113 6.27 25.32 27.54
C LYS C 113 6.81 23.89 27.42
N SER C 114 6.52 23.24 26.29
CA SER C 114 6.99 21.88 26.09
C SER C 114 8.04 21.86 24.98
N SER C 115 8.68 20.71 24.79
CA SER C 115 9.68 20.61 23.73
C SER C 115 9.20 19.64 22.68
N PRO C 116 9.66 19.82 21.43
CA PRO C 116 9.27 18.98 20.30
C PRO C 116 10.01 17.65 20.19
N SER C 117 9.25 16.62 19.82
CA SER C 117 9.79 15.29 19.63
C SER C 117 10.04 15.20 18.13
N VAL C 118 11.30 15.02 17.75
CA VAL C 118 11.64 14.96 16.34
C VAL C 118 11.96 13.56 15.85
N THR C 119 11.50 13.20 14.65
CA THR C 119 11.83 11.89 14.08
C THR C 119 12.17 12.04 12.61
N LEU C 120 13.42 11.73 12.28
CA LEU C 120 13.88 11.83 10.90
C LEU C 120 13.73 10.46 10.25
N PHE C 121 12.99 10.44 9.14
CA PHE C 121 12.73 9.23 8.38
C PHE C 121 13.47 9.24 7.07
N PRO C 122 14.03 8.09 6.66
CA PRO C 122 14.77 7.97 5.41
C PRO C 122 13.83 7.77 4.24
N PRO C 123 14.33 7.96 3.02
CA PRO C 123 13.51 7.78 1.82
C PRO C 123 13.20 6.35 1.58
N SER C 124 12.04 6.08 1.01
CA SER C 124 11.68 4.71 0.78
C SER C 124 12.48 4.19 -0.38
N SER C 125 11.84 3.18 -0.98
CA SER C 125 12.26 2.40 -2.12
C SER C 125 11.45 2.83 -3.32
N GLU C 126 10.20 2.34 -3.29
CA GLU C 126 9.21 2.61 -4.31
C GLU C 126 9.43 4.00 -4.80
N GLU C 127 9.68 4.89 -3.84
CA GLU C 127 9.94 6.29 -4.13
C GLU C 127 11.32 6.43 -4.78
N LEU C 128 12.34 5.80 -4.21
CA LEU C 128 13.67 5.87 -4.77
C LEU C 128 13.70 5.45 -6.23
N GLU C 129 12.85 4.51 -6.61
CA GLU C 129 12.84 4.05 -8.00
C GLU C 129 12.27 5.11 -8.95
N THR C 130 11.80 6.23 -8.41
CA THR C 130 11.27 7.32 -9.26
C THR C 130 12.31 8.41 -9.38
N ASN C 131 13.46 8.18 -8.76
CA ASN C 131 14.59 9.12 -8.73
C ASN C 131 14.23 10.30 -7.83
N LYS C 132 13.56 9.95 -6.74
CA LYS C 132 13.14 10.90 -5.70
C LYS C 132 13.35 10.22 -4.37
N ALA C 133 13.93 10.95 -3.42
CA ALA C 133 14.19 10.43 -2.09
C ALA C 133 13.65 11.48 -1.13
N THR C 134 12.49 11.21 -0.51
CA THR C 134 11.92 12.18 0.42
C THR C 134 12.23 11.81 1.88
N LEU C 135 13.04 12.64 2.52
CA LEU C 135 13.40 12.47 3.92
C LEU C 135 12.28 13.12 4.72
N VAL C 136 11.82 12.44 5.76
CA VAL C 136 10.73 12.98 6.57
C VAL C 136 11.10 13.32 8.01
N CYS C 137 10.63 14.48 8.44
CA CYS C 137 10.92 14.98 9.78
C CYS C 137 9.65 15.42 10.51
N THR C 138 9.18 14.63 11.46
CA THR C 138 7.99 15.02 12.19
C THR C 138 8.28 15.67 13.55
N ILE C 139 7.53 16.73 13.84
CA ILE C 139 7.64 17.48 15.08
C ILE C 139 6.36 17.35 15.90
N THR C 140 6.50 16.85 17.12
CA THR C 140 5.36 16.61 17.99
C THR C 140 5.51 17.10 19.43
N ASP C 141 4.35 17.25 20.07
CA ASP C 141 4.26 17.65 21.47
C ASP C 141 5.04 18.88 21.83
N PHE C 142 5.03 19.90 20.98
CA PHE C 142 5.74 21.10 21.35
C PHE C 142 4.84 22.30 21.62
N TYR C 143 5.01 22.90 22.80
CA TYR C 143 4.28 24.10 23.19
C TYR C 143 5.32 25.11 23.62
N PRO C 144 5.18 26.37 23.19
CA PRO C 144 4.09 26.84 22.32
C PRO C 144 4.32 26.34 20.89
N GLY C 145 3.33 26.60 20.03
CA GLY C 145 3.39 26.14 18.66
C GLY C 145 4.11 26.86 17.53
N VAL C 146 5.33 27.34 17.75
CA VAL C 146 6.09 27.98 16.68
C VAL C 146 7.46 27.33 16.63
N VAL C 147 7.73 26.73 15.47
CA VAL C 147 8.97 26.00 15.23
C VAL C 147 9.72 26.45 13.96
N THR C 148 11.04 26.32 13.99
CA THR C 148 11.88 26.66 12.84
C THR C 148 12.57 25.37 12.44
N VAL C 149 12.70 25.12 11.15
CA VAL C 149 13.34 23.89 10.68
C VAL C 149 14.35 24.14 9.58
N ASP C 150 15.62 23.83 9.82
CA ASP C 150 16.65 24.04 8.81
C ASP C 150 17.31 22.71 8.48
N TRP C 151 17.40 22.39 7.20
CA TRP C 151 18.03 21.14 6.82
C TRP C 151 19.50 21.34 6.47
N LYS C 152 20.24 20.23 6.49
CA LYS C 152 21.64 20.18 6.15
C LYS C 152 21.92 18.82 5.51
N VAL C 153 22.77 18.80 4.48
CA VAL C 153 23.14 17.55 3.84
C VAL C 153 24.65 17.51 3.84
N ASP C 154 25.20 16.57 4.58
CA ASP C 154 26.65 16.45 4.72
C ASP C 154 27.19 17.79 5.20
N GLY C 155 26.56 18.25 6.28
CA GLY C 155 26.94 19.50 6.92
C GLY C 155 26.50 20.76 6.22
N THR C 156 26.01 20.64 4.99
CA THR C 156 25.60 21.82 4.25
C THR C 156 24.13 22.18 4.32
N PRO C 157 23.83 23.31 4.97
CA PRO C 157 22.46 23.81 5.11
C PRO C 157 21.77 23.89 3.76
N VAL C 158 20.56 23.35 3.71
CA VAL C 158 19.73 23.35 2.51
C VAL C 158 18.73 24.49 2.61
N THR C 159 18.74 25.36 1.59
CA THR C 159 17.85 26.51 1.56
C THR C 159 16.60 26.31 0.69
N GLN C 160 16.58 25.23 -0.08
CA GLN C 160 15.43 24.88 -0.91
C GLN C 160 15.19 23.39 -0.71
N GLY C 161 13.92 23.01 -0.82
CA GLY C 161 13.53 21.63 -0.62
C GLY C 161 12.64 21.61 0.61
N MET C 162 13.15 22.22 1.68
CA MET C 162 12.42 22.31 2.96
C MET C 162 10.95 22.68 2.81
N GLU C 163 10.09 21.68 2.67
CA GLU C 163 8.66 21.95 2.54
C GLU C 163 8.02 21.63 3.89
N THR C 164 8.14 22.57 4.81
CA THR C 164 7.61 22.39 6.15
C THR C 164 6.13 22.76 6.26
N THR C 165 5.45 22.08 7.18
CA THR C 165 4.04 22.31 7.39
C THR C 165 3.70 23.23 8.54
N GLN C 166 2.43 23.61 8.53
CA GLN C 166 1.79 24.50 9.50
C GLN C 166 1.51 23.75 10.82
N PRO C 167 1.85 24.36 11.97
CA PRO C 167 1.61 23.72 13.27
C PRO C 167 0.14 23.36 13.52
N SER C 168 -0.14 22.07 13.69
CA SER C 168 -1.51 21.62 13.97
C SER C 168 -1.61 21.24 15.44
N LYS C 169 -2.78 21.47 16.03
CA LYS C 169 -2.98 21.17 17.42
C LYS C 169 -3.35 19.71 17.64
N GLN C 170 -2.89 19.18 18.78
CA GLN C 170 -3.14 17.80 19.16
C GLN C 170 -4.19 17.83 20.27
N SER C 171 -4.77 16.67 20.55
CA SER C 171 -5.79 16.51 21.59
C SER C 171 -5.45 17.22 22.90
N ASN C 172 -4.16 17.15 23.23
CA ASN C 172 -3.59 17.72 24.45
C ASN C 172 -3.31 19.22 24.38
N ASN C 173 -3.58 19.82 23.23
CA ASN C 173 -3.34 21.24 23.01
C ASN C 173 -1.88 21.61 22.76
N LYS C 174 -1.03 20.63 22.46
CA LYS C 174 0.36 20.93 22.14
C LYS C 174 0.34 21.01 20.63
N TYR C 175 1.46 21.36 20.03
CA TYR C 175 1.49 21.44 18.58
C TYR C 175 2.38 20.40 17.93
N MET C 176 2.10 20.14 16.65
CA MET C 176 2.83 19.17 15.84
C MET C 176 2.95 19.73 14.43
N ALA C 177 3.96 19.27 13.70
CA ALA C 177 4.18 19.73 12.33
C ALA C 177 5.21 18.85 11.63
N SER C 178 5.37 19.02 10.32
CA SER C 178 6.36 18.23 9.62
C SER C 178 7.10 19.04 8.57
N SER C 179 8.24 18.53 8.16
CA SER C 179 9.08 19.16 7.17
C SER C 179 9.47 18.08 6.18
N TYR C 180 9.58 18.45 4.91
CA TYR C 180 9.95 17.47 3.90
C TYR C 180 11.19 17.91 3.13
N LEU C 181 12.11 16.98 2.88
CA LEU C 181 13.29 17.30 2.10
C LEU C 181 13.29 16.34 0.93
N THR C 182 12.90 16.87 -0.23
CA THR C 182 12.82 16.09 -1.46
C THR C 182 14.08 16.32 -2.29
N LEU C 183 14.53 15.27 -2.97
CA LEU C 183 15.72 15.33 -3.79
C LEU C 183 15.73 14.15 -4.74
N THR C 184 16.74 14.05 -5.60
CA THR C 184 16.78 12.91 -6.52
C THR C 184 17.54 11.75 -5.90
N ALA C 185 17.36 10.58 -6.48
CA ALA C 185 18.03 9.38 -6.01
C ALA C 185 19.51 9.56 -6.26
N ARG C 186 19.86 10.08 -7.43
CA ARG C 186 21.26 10.33 -7.75
C ARG C 186 21.79 11.24 -6.65
N GLU C 187 21.00 12.27 -6.32
CA GLU C 187 21.36 13.19 -5.26
C GLU C 187 21.51 12.37 -4.00
N TRP C 188 20.43 11.71 -3.62
CA TRP C 188 20.40 10.88 -2.43
C TRP C 188 21.57 9.92 -2.32
N GLU C 189 21.89 9.25 -3.42
CA GLU C 189 22.98 8.29 -3.43
C GLU C 189 24.37 8.94 -3.55
N ARG C 190 24.42 10.26 -3.52
CA ARG C 190 25.67 11.00 -3.63
C ARG C 190 26.14 11.43 -2.26
N HIS C 191 25.17 11.57 -1.34
CA HIS C 191 25.49 11.99 0.02
C HIS C 191 25.33 10.92 1.10
N SER C 192 25.77 11.26 2.30
CA SER C 192 25.71 10.36 3.45
C SER C 192 24.99 10.99 4.63
N SER C 193 25.30 12.26 4.90
CA SER C 193 24.68 12.99 6.00
C SER C 193 23.44 13.77 5.56
N TYR C 194 22.35 13.59 6.30
CA TYR C 194 21.07 14.25 6.08
C TYR C 194 20.56 14.50 7.49
N SER C 195 20.45 15.77 7.85
CA SER C 195 20.05 16.13 9.20
C SER C 195 18.85 17.07 9.34
N CYS C 196 17.96 16.77 10.28
CA CYS C 196 16.81 17.64 10.49
C CYS C 196 17.00 18.42 11.78
N GLN C 197 17.02 19.74 11.62
CA GLN C 197 17.22 20.65 12.74
C GLN C 197 15.98 21.49 13.04
N VAL C 198 15.42 21.29 14.23
CA VAL C 198 14.23 22.04 14.62
C VAL C 198 14.52 22.97 15.79
N THR C 199 14.20 24.25 15.63
CA THR C 199 14.41 25.21 16.70
C THR C 199 13.11 25.62 17.37
N HIS C 200 13.05 25.40 18.69
CA HIS C 200 11.88 25.77 19.49
C HIS C 200 12.32 26.56 20.72
N GLU C 201 12.08 27.86 20.72
CA GLU C 201 12.45 28.67 21.86
C GLU C 201 13.97 28.76 22.02
N GLY C 202 14.42 28.38 23.20
CA GLY C 202 15.81 28.41 23.55
C GLY C 202 16.32 27.00 23.50
N HIS C 203 15.76 26.21 22.59
CA HIS C 203 16.18 24.80 22.42
C HIS C 203 16.23 24.40 20.94
N THR C 204 17.31 23.75 20.49
CA THR C 204 17.40 23.34 19.08
C THR C 204 17.50 21.83 19.02
N VAL C 205 16.56 21.21 18.31
CA VAL C 205 16.53 19.77 18.19
C VAL C 205 17.04 19.35 16.81
N GLU C 206 18.25 18.81 16.74
CA GLU C 206 18.75 18.33 15.45
C GLU C 206 18.59 16.82 15.46
N LYS C 207 18.53 16.22 14.28
CA LYS C 207 18.33 14.79 14.17
C LYS C 207 19.03 14.33 12.91
N SER C 208 19.98 13.42 12.97
CA SER C 208 20.49 13.04 11.66
C SER C 208 20.57 11.55 11.41
N LEU C 209 20.65 11.21 10.13
CA LEU C 209 20.75 9.82 9.72
C LEU C 209 21.84 9.69 8.67
N SER C 210 22.57 8.59 8.71
CA SER C 210 23.65 8.35 7.77
C SER C 210 23.24 7.40 6.65
N ARG C 211 22.83 7.96 5.51
CA ARG C 211 22.44 7.11 4.38
C ARG C 211 23.64 6.24 4.10
N ALA C 212 24.82 6.85 4.25
CA ALA C 212 26.10 6.20 4.04
C ALA C 212 26.95 6.30 5.29
N GLU D 1 -29.36 33.47 18.01
CA GLU D 1 -29.99 32.93 16.77
C GLU D 1 -29.27 33.36 15.50
N VAL D 2 -28.71 34.57 15.51
CA VAL D 2 -28.01 35.07 14.33
C VAL D 2 -27.00 34.07 13.78
N GLN D 3 -27.21 33.72 12.51
CA GLN D 3 -26.36 32.76 11.82
C GLN D 3 -26.08 33.12 10.37
N LEU D 4 -24.81 32.99 10.00
CA LEU D 4 -24.37 33.28 8.64
C LEU D 4 -23.97 31.98 7.98
N GLN D 5 -24.97 31.27 7.46
CA GLN D 5 -24.75 29.98 6.81
C GLN D 5 -24.47 30.12 5.31
N GLN D 6 -23.18 30.12 5.03
CA GLN D 6 -22.57 30.23 3.71
C GLN D 6 -22.54 28.89 2.96
N SER D 7 -22.52 28.97 1.64
CA SER D 7 -22.50 27.78 0.80
C SER D 7 -21.13 27.13 0.80
N GLY D 8 -21.15 25.83 0.59
CA GLY D 8 -19.95 25.03 0.57
C GLY D 8 -18.73 25.52 -0.18
N PRO D 9 -17.64 24.71 -0.14
CA PRO D 9 -16.37 25.02 -0.81
C PRO D 9 -16.48 24.95 -2.32
N GLU D 10 -15.56 25.65 -2.98
CA GLU D 10 -15.53 25.65 -4.42
C GLU D 10 -14.16 25.17 -4.86
N LEU D 11 -14.09 24.69 -6.11
CA LEU D 11 -12.87 24.26 -6.77
C LEU D 11 -13.20 24.38 -8.24
N VAL D 12 -12.56 25.34 -8.90
CA VAL D 12 -12.78 25.58 -10.30
C VAL D 12 -11.47 25.92 -11.00
N LYS D 13 -11.53 25.89 -12.34
CA LYS D 13 -10.37 26.19 -13.15
C LYS D 13 -10.31 27.67 -13.46
N PRO D 14 -9.11 28.20 -13.76
CA PRO D 14 -8.96 29.63 -14.06
C PRO D 14 -9.82 30.14 -15.24
N GLY D 15 -10.28 31.37 -15.08
CA GLY D 15 -11.10 32.03 -16.07
C GLY D 15 -12.54 31.74 -15.72
N ALA D 16 -12.73 30.76 -14.85
CA ALA D 16 -14.07 30.36 -14.41
C ALA D 16 -14.73 31.36 -13.48
N SER D 17 -16.03 31.20 -13.30
CA SER D 17 -16.81 32.08 -12.46
C SER D 17 -17.65 31.30 -11.44
N VAL D 18 -17.70 31.84 -10.22
CA VAL D 18 -18.45 31.22 -9.13
C VAL D 18 -19.39 32.19 -8.40
N LYS D 19 -20.38 31.62 -7.72
CA LYS D 19 -21.35 32.39 -6.95
C LYS D 19 -21.45 31.81 -5.54
N VAL D 20 -21.25 32.66 -4.53
CA VAL D 20 -21.32 32.21 -3.14
C VAL D 20 -22.63 32.65 -2.49
N SER D 21 -23.20 31.79 -1.65
CA SER D 21 -24.46 32.10 -0.97
C SER D 21 -24.22 32.34 0.52
N CYS D 22 -24.99 33.24 1.11
CA CYS D 22 -24.89 33.55 2.55
C CYS D 22 -26.27 33.75 3.14
N LYS D 23 -26.85 32.69 3.70
CA LYS D 23 -28.15 32.85 4.28
C LYS D 23 -28.03 33.47 5.66
N ALA D 24 -29.01 34.31 5.98
CA ALA D 24 -29.07 35.00 7.24
C ALA D 24 -30.28 34.53 8.02
N SER D 25 -30.06 34.27 9.31
CA SER D 25 -31.14 33.81 10.18
C SER D 25 -30.85 34.21 11.62
N GLY D 26 -31.90 34.52 12.37
CA GLY D 26 -31.73 34.91 13.75
C GLY D 26 -31.70 36.41 13.99
N TYR D 27 -31.99 37.20 12.96
CA TYR D 27 -32.03 38.67 13.07
C TYR D 27 -32.82 39.31 11.93
N SER D 28 -32.87 40.64 11.93
CA SER D 28 -33.60 41.39 10.90
C SER D 28 -32.71 41.52 9.68
N PHE D 29 -33.14 40.93 8.57
CA PHE D 29 -32.40 40.92 7.32
C PHE D 29 -32.19 42.28 6.59
N THR D 30 -33.22 43.11 6.51
CA THR D 30 -33.09 44.38 5.82
C THR D 30 -32.52 45.49 6.71
N ASP D 31 -32.57 45.28 8.02
CA ASP D 31 -32.07 46.23 9.01
C ASP D 31 -30.56 46.33 9.02
N TYR D 32 -29.90 45.44 8.29
CA TYR D 32 -28.44 45.41 8.30
C TYR D 32 -27.75 45.27 6.95
N ASN D 33 -26.50 45.72 6.88
CA ASN D 33 -25.72 45.60 5.65
C ASN D 33 -24.95 44.29 5.68
N MET D 34 -24.80 43.69 4.50
CA MET D 34 -24.08 42.43 4.37
C MET D 34 -22.73 42.71 3.76
N TYR D 35 -21.67 42.31 4.45
CA TYR D 35 -20.33 42.55 3.96
C TYR D 35 -19.62 41.30 3.48
N TRP D 36 -18.76 41.47 2.49
CA TRP D 36 -17.97 40.37 1.94
C TRP D 36 -16.52 40.73 2.09
N VAL D 37 -15.77 39.92 2.84
CA VAL D 37 -14.36 40.18 3.01
C VAL D 37 -13.63 39.00 2.41
N LYS D 38 -12.34 39.16 2.13
CA LYS D 38 -11.57 38.09 1.55
C LYS D 38 -10.26 37.83 2.26
N GLN D 39 -10.09 36.59 2.69
CA GLN D 39 -8.87 36.20 3.37
C GLN D 39 -8.01 35.34 2.47
N ASN D 40 -6.84 35.87 2.15
CA ASN D 40 -5.89 35.17 1.32
C ASN D 40 -4.82 34.59 2.20
N HIS D 41 -4.07 33.68 1.59
CA HIS D 41 -3.00 32.93 2.23
C HIS D 41 -1.90 33.74 2.85
N GLY D 42 -2.08 33.84 4.16
CA GLY D 42 -1.19 34.56 5.03
C GLY D 42 -1.40 36.03 4.78
N GLU D 43 -1.87 36.36 3.58
CA GLU D 43 -2.06 37.75 3.19
C GLU D 43 -3.19 38.49 3.88
N SER D 44 -3.74 37.85 4.90
CA SER D 44 -4.81 38.40 5.72
C SER D 44 -6.06 38.94 5.02
N LEU D 45 -6.76 39.80 5.75
CA LEU D 45 -8.03 40.38 5.33
C LEU D 45 -8.10 41.43 4.19
N GLU D 46 -9.21 41.37 3.46
CA GLU D 46 -9.47 42.24 2.33
C GLU D 46 -10.96 42.48 2.11
N TRP D 47 -11.42 43.72 2.24
CA TRP D 47 -12.84 43.98 2.02
C TRP D 47 -13.11 43.91 0.51
N ILE D 48 -14.17 43.21 0.09
CA ILE D 48 -14.46 43.16 -1.34
C ILE D 48 -15.60 44.12 -1.72
N ALA D 49 -16.73 44.05 -1.00
CA ALA D 49 -17.87 44.91 -1.31
C ALA D 49 -18.95 44.75 -0.27
N TYR D 50 -20.09 45.42 -0.49
CA TYR D 50 -21.25 45.26 0.40
C TYR D 50 -22.50 45.77 -0.27
N ILE D 51 -23.59 45.15 0.14
CA ILE D 51 -24.89 45.46 -0.42
C ILE D 51 -25.82 45.95 0.67
N ASP D 52 -26.58 46.99 0.36
CA ASP D 52 -27.52 47.56 1.33
C ASP D 52 -28.90 47.03 0.97
N PRO D 53 -29.41 46.07 1.73
CA PRO D 53 -30.72 45.49 1.45
C PRO D 53 -31.83 46.53 1.34
N SER D 54 -31.82 47.45 2.30
CA SER D 54 -32.77 48.56 2.44
C SER D 54 -33.08 49.37 1.17
N ASN D 55 -32.17 49.30 0.19
CA ASN D 55 -32.31 50.02 -1.07
C ASN D 55 -31.72 49.20 -2.21
N GLY D 56 -31.20 48.01 -1.90
CA GLY D 56 -30.65 47.18 -2.95
C GLY D 56 -29.33 47.71 -3.42
N ASP D 57 -28.91 48.87 -2.92
CA ASP D 57 -27.62 49.45 -3.35
C ASP D 57 -26.41 48.60 -2.97
N THR D 58 -25.39 48.60 -3.83
CA THR D 58 -24.18 47.80 -3.59
C THR D 58 -22.95 48.70 -3.66
N PHE D 59 -21.89 48.30 -2.96
CA PHE D 59 -20.65 49.07 -2.96
C PHE D 59 -19.48 48.12 -3.16
N TYR D 60 -18.61 48.41 -4.11
CA TYR D 60 -17.47 47.55 -4.38
C TYR D 60 -16.13 48.21 -4.07
N ASN D 61 -15.18 47.41 -3.59
CA ASN D 61 -13.84 47.92 -3.31
C ASN D 61 -13.28 48.22 -4.69
N GLN D 62 -12.78 49.43 -4.92
CA GLN D 62 -12.28 49.76 -6.25
C GLN D 62 -11.26 48.77 -6.83
N LYS D 63 -10.61 47.99 -5.98
CA LYS D 63 -9.65 47.00 -6.45
C LYS D 63 -10.35 45.66 -6.69
N PHE D 64 -11.64 45.60 -6.34
CA PHE D 64 -12.46 44.40 -6.48
C PHE D 64 -13.67 44.68 -7.38
N GLN D 65 -14.03 45.95 -7.41
CA GLN D 65 -15.16 46.49 -8.17
C GLN D 65 -15.52 45.72 -9.45
N GLY D 66 -14.55 45.53 -10.35
CA GLY D 66 -14.82 44.86 -11.61
C GLY D 66 -14.86 43.34 -11.56
N LYS D 67 -14.18 42.74 -10.60
CA LYS D 67 -14.11 41.28 -10.49
C LYS D 67 -15.30 40.59 -9.83
N ALA D 68 -15.78 41.13 -8.71
CA ALA D 68 -16.90 40.55 -8.00
C ALA D 68 -18.22 41.29 -8.15
N THR D 69 -19.31 40.64 -7.78
CA THR D 69 -20.65 41.25 -7.83
C THR D 69 -21.56 40.71 -6.74
N VAL D 70 -22.03 41.63 -5.90
CA VAL D 70 -22.90 41.30 -4.77
C VAL D 70 -24.39 41.42 -5.09
N THR D 71 -25.14 40.33 -4.87
CA THR D 71 -26.57 40.35 -5.14
C THR D 71 -27.41 40.07 -3.90
N LEU D 72 -28.69 40.41 -4.00
CA LEU D 72 -29.64 40.26 -2.90
C LEU D 72 -30.72 39.22 -3.20
N ASP D 73 -31.17 38.51 -2.17
CA ASP D 73 -32.27 37.56 -2.32
C ASP D 73 -33.18 37.79 -1.14
N LYS D 74 -33.78 38.98 -1.11
CA LYS D 74 -34.68 39.38 -0.04
C LYS D 74 -35.74 38.32 0.25
N SER D 75 -36.29 37.73 -0.81
CA SER D 75 -37.31 36.70 -0.69
C SER D 75 -36.96 35.62 0.32
N SER D 76 -35.69 35.27 0.42
CA SER D 76 -35.27 34.22 1.34
C SER D 76 -34.36 34.73 2.44
N SER D 77 -33.86 35.94 2.28
CA SER D 77 -32.93 36.56 3.22
C SER D 77 -31.60 35.87 2.97
N THR D 78 -31.21 35.81 1.69
CA THR D 78 -29.96 35.18 1.31
C THR D 78 -29.13 36.05 0.38
N ALA D 79 -27.91 36.36 0.86
CA ALA D 79 -26.97 37.19 0.14
C ALA D 79 -26.05 36.30 -0.69
N PHE D 80 -25.49 36.86 -1.76
CA PHE D 80 -24.59 36.11 -2.64
C PHE D 80 -23.35 36.91 -3.03
N MET D 81 -22.32 36.22 -3.49
CA MET D 81 -21.13 36.91 -3.98
C MET D 81 -20.79 36.30 -5.32
N HIS D 82 -20.63 37.15 -6.32
CA HIS D 82 -20.30 36.71 -7.65
C HIS D 82 -18.84 36.97 -7.97
N LEU D 83 -18.17 35.93 -8.45
CA LEU D 83 -16.77 36.03 -8.85
C LEU D 83 -16.68 35.45 -10.24
N ASN D 84 -16.05 36.20 -11.14
CA ASN D 84 -15.90 35.78 -12.53
C ASN D 84 -14.43 35.81 -12.95
N SER D 85 -14.19 35.34 -14.17
CA SER D 85 -12.86 35.28 -14.75
C SER D 85 -11.76 35.01 -13.74
N LEU D 86 -12.03 34.08 -12.84
CA LEU D 86 -11.11 33.73 -11.77
C LEU D 86 -9.69 33.30 -12.17
N THR D 87 -8.76 33.49 -11.24
CA THR D 87 -7.35 33.13 -11.42
C THR D 87 -6.80 32.51 -10.16
N SER D 88 -5.51 32.23 -10.20
CA SER D 88 -4.80 31.64 -9.09
C SER D 88 -4.80 32.56 -7.89
N GLU D 89 -4.72 33.87 -8.12
CA GLU D 89 -4.71 34.80 -6.99
C GLU D 89 -6.11 35.02 -6.43
N ASP D 90 -7.10 34.40 -7.05
CA ASP D 90 -8.48 34.52 -6.57
C ASP D 90 -8.80 33.37 -5.61
N SER D 91 -7.76 32.64 -5.22
CA SER D 91 -7.92 31.52 -4.31
C SER D 91 -7.83 32.04 -2.88
N ALA D 92 -8.91 31.89 -2.13
CA ALA D 92 -8.97 32.38 -0.75
C ALA D 92 -10.26 31.93 -0.08
N VAL D 93 -10.46 32.36 1.16
CA VAL D 93 -11.67 32.00 1.87
C VAL D 93 -12.50 33.25 1.91
N TYR D 94 -13.76 33.13 1.52
CA TYR D 94 -14.65 34.29 1.51
C TYR D 94 -15.67 34.17 2.63
N TYR D 95 -15.83 35.25 3.38
CA TYR D 95 -16.77 35.28 4.49
C TYR D 95 -17.77 36.42 4.30
N CYS D 96 -18.95 36.30 4.90
CA CYS D 96 -19.95 37.36 4.83
C CYS D 96 -20.15 37.85 6.26
N ALA D 97 -20.12 39.16 6.44
CA ALA D 97 -20.31 39.73 7.77
C ALA D 97 -21.55 40.60 7.79
N ARG D 98 -22.18 40.71 8.95
CA ARG D 98 -23.37 41.51 9.08
C ARG D 98 -22.97 42.84 9.71
N GLY D 99 -23.76 43.87 9.46
CA GLY D 99 -23.47 45.18 10.01
C GLY D 99 -23.95 45.32 11.44
N GLY D 100 -24.01 46.55 11.93
CA GLY D 100 -24.43 46.82 13.29
C GLY D 100 -23.47 47.84 13.85
N GLY D 101 -22.90 47.56 15.01
CA GLY D 101 -21.94 48.49 15.58
C GLY D 101 -20.59 48.06 15.07
N LEU D 102 -20.55 46.93 14.39
CA LEU D 102 -19.27 46.45 13.90
C LEU D 102 -19.44 45.23 13.04
N PHE D 103 -18.32 44.69 12.59
CA PHE D 103 -18.36 43.48 11.81
C PHE D 103 -18.79 42.49 12.88
N ALA D 104 -20.07 42.59 13.22
CA ALA D 104 -20.71 41.79 14.26
C ALA D 104 -20.76 40.28 14.01
N PHE D 105 -21.72 39.83 13.20
CA PHE D 105 -21.79 38.40 12.96
C PHE D 105 -21.32 37.95 11.58
N TRP D 106 -20.33 37.06 11.58
CA TRP D 106 -19.74 36.54 10.34
C TRP D 106 -20.25 35.15 9.98
N GLY D 107 -19.80 34.65 8.85
CA GLY D 107 -20.21 33.33 8.41
C GLY D 107 -19.10 32.33 8.71
N GLN D 108 -19.23 31.11 8.21
CA GLN D 108 -18.19 30.10 8.43
C GLN D 108 -17.12 30.36 7.42
N GLY D 109 -17.57 30.93 6.30
CA GLY D 109 -16.71 31.24 5.19
C GLY D 109 -16.89 30.12 4.20
N THR D 110 -16.46 30.31 2.96
CA THR D 110 -16.57 29.26 1.94
C THR D 110 -15.25 29.33 1.21
N LEU D 111 -14.53 28.22 1.16
CA LEU D 111 -13.25 28.22 0.46
C LEU D 111 -13.47 28.09 -1.04
N VAL D 112 -12.78 28.95 -1.77
CA VAL D 112 -12.85 29.01 -3.22
C VAL D 112 -11.49 28.65 -3.79
N THR D 113 -11.42 27.60 -4.61
CA THR D 113 -10.13 27.23 -5.17
C THR D 113 -10.11 27.26 -6.70
N VAL D 114 -9.02 27.81 -7.21
CA VAL D 114 -8.79 27.96 -8.65
C VAL D 114 -7.49 27.25 -9.01
N SER D 115 -7.58 26.18 -9.80
CA SER D 115 -6.38 25.45 -10.18
C SER D 115 -6.51 24.39 -11.26
N ALA D 116 -5.72 23.33 -11.04
CA ALA D 116 -5.56 22.18 -11.93
C ALA D 116 -6.43 20.92 -11.84
N LYS D 117 -5.76 19.80 -12.17
CA LYS D 117 -6.36 18.47 -12.26
C LYS D 117 -6.01 17.43 -11.16
N THR D 118 -6.93 16.49 -10.99
CA THR D 118 -6.88 15.40 -10.00
C THR D 118 -5.82 14.31 -10.13
N THR D 119 -5.03 14.14 -9.08
CA THR D 119 -3.98 13.13 -9.06
C THR D 119 -3.92 12.36 -7.75
N PRO D 120 -4.12 11.03 -7.81
CA PRO D 120 -4.05 10.25 -6.58
C PRO D 120 -2.68 10.43 -5.99
N PRO D 121 -2.55 10.30 -4.66
CA PRO D 121 -1.21 10.47 -4.10
C PRO D 121 -0.39 9.22 -4.33
N SER D 122 0.91 9.31 -4.12
CA SER D 122 1.77 8.14 -4.24
C SER D 122 2.09 7.83 -2.80
N VAL D 123 1.67 6.67 -2.34
CA VAL D 123 1.88 6.30 -0.95
C VAL D 123 3.16 5.48 -0.69
N TYR D 124 3.97 5.97 0.23
CA TYR D 124 5.21 5.32 0.63
C TYR D 124 5.19 5.21 2.14
N PRO D 125 5.64 4.08 2.68
CA PRO D 125 5.69 3.83 4.11
C PRO D 125 6.99 4.36 4.70
N LEU D 126 7.01 4.61 6.00
CA LEU D 126 8.23 5.10 6.63
C LEU D 126 8.63 4.14 7.74
N ALA D 127 9.70 3.41 7.44
CA ALA D 127 10.30 2.41 8.32
C ALA D 127 11.54 2.98 9.00
N PRO D 128 12.00 2.35 10.10
CA PRO D 128 13.17 2.87 10.79
C PRO D 128 14.23 3.25 9.79
N GLY D 129 14.81 4.45 9.96
CA GLY D 129 15.92 4.91 9.12
C GLY D 129 16.67 3.64 9.37
N SER D 130 17.89 3.56 9.79
CA SER D 130 18.10 2.16 10.03
C SER D 130 18.70 2.20 11.37
N ALA D 131 18.26 1.35 12.28
CA ALA D 131 18.90 1.47 13.55
C ALA D 131 18.42 0.63 14.70
N ALA D 132 17.44 1.14 15.42
CA ALA D 132 16.95 0.42 16.58
C ALA D 132 15.88 1.27 17.23
N GLN D 133 15.78 1.23 18.55
CA GLN D 133 14.78 2.07 19.16
C GLN D 133 15.40 2.73 20.35
N THR D 134 16.02 3.89 20.10
CA THR D 134 16.66 4.62 21.18
C THR D 134 15.64 4.97 22.26
N ASN D 135 14.37 4.98 21.88
CA ASN D 135 13.27 5.30 22.78
C ASN D 135 12.62 3.98 23.24
N SER D 136 13.18 2.87 22.76
CA SER D 136 12.72 1.52 23.08
C SER D 136 11.33 1.20 22.50
N MET D 137 10.79 2.17 21.79
CA MET D 137 9.49 2.05 21.14
C MET D 137 9.70 2.41 19.67
N VAL D 138 8.84 1.91 18.80
CA VAL D 138 8.97 2.14 17.36
C VAL D 138 7.98 3.13 16.75
N THR D 139 8.48 4.11 16.00
CA THR D 139 7.59 5.07 15.37
C THR D 139 7.60 4.85 13.86
N LEU D 140 6.44 4.49 13.34
CA LEU D 140 6.28 4.22 11.92
C LEU D 140 5.40 5.26 11.25
N GLY D 141 5.42 5.32 9.93
CA GLY D 141 4.61 6.30 9.24
C GLY D 141 4.31 6.02 7.78
N CYS D 142 3.78 7.05 7.14
CA CYS D 142 3.43 6.93 5.74
C CYS D 142 3.44 8.28 5.07
N LEU D 143 4.07 8.33 3.90
CA LEU D 143 4.15 9.56 3.14
C LEU D 143 3.16 9.52 1.98
N VAL D 144 2.12 10.34 2.09
CA VAL D 144 1.11 10.44 1.05
C VAL D 144 1.55 11.67 0.30
N LYS D 145 2.20 11.41 -0.84
CA LYS D 145 2.80 12.46 -1.64
C LYS D 145 2.24 12.74 -3.05
N GLY D 146 2.16 14.03 -3.36
CA GLY D 146 1.70 14.48 -4.66
C GLY D 146 0.30 14.18 -5.17
N TYR D 147 -0.72 14.48 -4.35
CA TYR D 147 -2.09 14.25 -4.78
C TYR D 147 -2.80 15.57 -4.95
N PHE D 148 -4.03 15.46 -5.42
CA PHE D 148 -4.90 16.60 -5.63
C PHE D 148 -6.24 16.01 -5.94
N PRO D 149 -7.28 16.60 -5.34
CA PRO D 149 -7.15 17.75 -4.42
C PRO D 149 -7.36 17.18 -3.06
N GLU D 150 -7.51 18.03 -2.06
CA GLU D 150 -7.69 17.58 -0.69
C GLU D 150 -9.10 17.09 -0.57
N PRO D 151 -9.39 16.31 0.50
CA PRO D 151 -8.43 15.93 1.53
C PRO D 151 -7.98 14.50 1.33
N VAL D 152 -6.99 14.13 2.13
CA VAL D 152 -6.43 12.78 2.11
C VAL D 152 -6.79 12.21 3.48
N THR D 153 -7.00 10.90 3.53
CA THR D 153 -7.39 10.24 4.77
C THR D 153 -6.44 9.13 5.20
N VAL D 154 -5.92 9.21 6.42
CA VAL D 154 -5.00 8.18 6.91
C VAL D 154 -5.43 7.57 8.23
N THR D 155 -5.46 6.24 8.28
CA THR D 155 -5.80 5.51 9.49
C THR D 155 -4.77 4.40 9.59
N TRP D 156 -4.67 3.83 10.77
CA TRP D 156 -3.72 2.75 10.98
C TRP D 156 -4.46 1.50 11.35
N ASN D 157 -4.22 0.44 10.57
CA ASN D 157 -4.88 -0.84 10.80
C ASN D 157 -6.39 -0.65 10.87
N SER D 158 -6.91 0.01 9.84
CA SER D 158 -8.34 0.28 9.71
C SER D 158 -8.96 1.10 10.84
N GLY D 159 -8.15 1.91 11.52
CA GLY D 159 -8.67 2.72 12.60
C GLY D 159 -8.67 1.97 13.93
N SER D 160 -7.95 0.86 13.94
CA SER D 160 -7.80 0.01 15.12
C SER D 160 -6.64 0.53 15.98
N LEU D 161 -5.72 1.25 15.33
CA LEU D 161 -4.58 1.86 15.99
C LEU D 161 -4.92 3.35 15.94
N SER D 162 -5.50 3.83 17.03
CA SER D 162 -5.93 5.22 17.19
C SER D 162 -4.93 5.93 18.10
N SER D 163 -4.39 5.18 19.05
CA SER D 163 -3.44 5.71 20.02
C SER D 163 -2.02 5.64 19.44
N GLY D 164 -1.22 6.65 19.76
CA GLY D 164 0.15 6.72 19.28
C GLY D 164 0.21 7.33 17.90
N VAL D 165 -0.96 7.76 17.42
CA VAL D 165 -1.09 8.34 16.09
C VAL D 165 -0.92 9.86 15.97
N HIS D 166 -0.20 10.27 14.94
CA HIS D 166 0.03 11.68 14.60
C HIS D 166 -0.09 11.78 13.10
N THR D 167 -1.13 12.46 12.63
CA THR D 167 -1.34 12.68 11.21
C THR D 167 -1.05 14.14 11.01
N PHE D 168 -0.37 14.47 9.93
CA PHE D 168 0.00 15.86 9.71
C PHE D 168 -0.79 16.62 8.65
N PRO D 169 -0.78 17.96 8.75
CA PRO D 169 -1.49 18.81 7.79
C PRO D 169 -0.82 18.78 6.44
N ALA D 170 -1.61 18.88 5.38
CA ALA D 170 -1.02 18.83 4.05
C ALA D 170 -0.14 20.06 3.92
N VAL D 171 0.81 19.96 3.00
CA VAL D 171 1.75 21.04 2.71
C VAL D 171 1.78 21.09 1.17
N LEU D 172 1.93 22.30 0.62
CA LEU D 172 1.97 22.44 -0.83
C LEU D 172 3.34 22.08 -1.40
N GLN D 173 3.35 21.06 -2.27
CA GLN D 173 4.59 20.59 -2.87
C GLN D 173 4.84 21.17 -4.25
N SER D 174 4.88 20.43 -5.34
CA SER D 174 5.09 21.21 -6.57
C SER D 174 3.72 21.59 -7.13
N ASP D 175 3.00 22.41 -6.35
CA ASP D 175 1.68 22.89 -6.70
C ASP D 175 0.71 21.75 -6.47
N LEU D 176 1.16 20.77 -5.67
CA LEU D 176 0.37 19.59 -5.31
C LEU D 176 0.49 19.43 -3.79
N TYR D 177 -0.27 18.51 -3.19
CA TYR D 177 -0.18 18.35 -1.74
C TYR D 177 0.54 17.08 -1.29
N THR D 178 1.40 17.22 -0.30
CA THR D 178 2.09 16.06 0.24
C THR D 178 1.75 16.01 1.72
N LEU D 179 1.35 14.83 2.18
CA LEU D 179 0.96 14.66 3.57
C LEU D 179 1.71 13.52 4.23
N SER D 180 1.65 13.47 5.55
CA SER D 180 2.38 12.46 6.29
C SER D 180 1.65 12.02 7.56
N SER D 181 1.68 10.74 7.86
CA SER D 181 1.06 10.27 9.10
C SER D 181 2.05 9.41 9.84
N SER D 182 1.85 9.29 11.14
CA SER D 182 2.76 8.50 11.96
C SER D 182 2.08 7.94 13.19
N VAL D 183 2.37 6.67 13.46
CA VAL D 183 1.83 6.02 14.65
C VAL D 183 3.06 5.47 15.36
N THR D 184 3.02 5.50 16.68
CA THR D 184 4.14 5.01 17.47
C THR D 184 3.69 3.77 18.23
N VAL D 185 4.45 2.69 18.06
CA VAL D 185 4.12 1.42 18.70
C VAL D 185 5.21 0.85 19.61
N PRO D 186 4.86 -0.07 20.52
CA PRO D 186 5.84 -0.66 21.44
C PRO D 186 6.73 -1.66 20.69
N SER D 187 7.77 -2.13 21.38
CA SER D 187 8.72 -3.08 20.81
C SER D 187 8.06 -4.42 20.58
N SER D 188 6.76 -4.51 20.86
CA SER D 188 6.03 -5.76 20.66
C SER D 188 5.36 -5.89 19.28
N PRO D 189 4.43 -4.98 18.97
CA PRO D 189 3.70 -4.97 17.70
C PRO D 189 4.50 -5.18 16.41
N ARG D 190 5.38 -4.24 16.09
CA ARG D 190 6.19 -4.34 14.87
C ARG D 190 7.57 -4.91 15.17
N PRO D 191 8.06 -5.79 14.28
CA PRO D 191 7.36 -6.22 13.07
C PRO D 191 6.62 -7.57 13.11
N SER D 192 6.68 -8.28 14.24
CA SER D 192 5.99 -9.56 14.30
C SER D 192 4.55 -9.33 13.83
N GLU D 193 3.93 -8.31 14.39
CA GLU D 193 2.56 -7.96 14.03
C GLU D 193 2.69 -6.92 12.94
N THR D 194 1.88 -7.08 11.89
CA THR D 194 1.90 -6.17 10.74
C THR D 194 1.28 -4.80 11.03
N VAL D 195 1.87 -3.76 10.46
CA VAL D 195 1.34 -2.40 10.61
C VAL D 195 1.08 -1.82 9.24
N THR D 196 -0.18 -1.46 9.02
CA THR D 196 -0.67 -0.95 7.73
C THR D 196 -1.36 0.42 7.80
N CYS D 197 -0.91 1.40 7.01
CA CYS D 197 -1.58 2.70 7.02
C CYS D 197 -2.57 2.69 5.87
N ASN D 198 -3.78 3.11 6.18
CA ASN D 198 -4.87 3.10 5.24
C ASN D 198 -5.23 4.48 4.71
N VAL D 199 -4.89 4.74 3.45
CA VAL D 199 -5.17 6.04 2.88
C VAL D 199 -6.26 6.08 1.81
N ALA D 200 -7.21 6.99 2.01
CA ALA D 200 -8.29 7.14 1.07
C ALA D 200 -8.23 8.51 0.42
N HIS D 201 -8.40 8.52 -0.90
CA HIS D 201 -8.45 9.78 -1.65
C HIS D 201 -9.71 9.73 -2.49
N PRO D 202 -10.82 10.23 -1.94
CA PRO D 202 -12.13 10.28 -2.58
C PRO D 202 -12.22 10.93 -3.96
N ALA D 203 -11.59 12.09 -4.14
CA ALA D 203 -11.67 12.78 -5.43
C ALA D 203 -11.04 11.95 -6.53
N SER D 204 -10.30 10.91 -6.15
CA SER D 204 -9.64 10.04 -7.11
C SER D 204 -10.04 8.59 -6.89
N SER D 205 -11.14 8.37 -6.18
CA SER D 205 -11.62 7.03 -5.90
C SER D 205 -10.53 6.20 -5.26
N THR D 206 -9.50 6.86 -4.73
CA THR D 206 -8.40 6.15 -4.10
C THR D 206 -8.64 5.70 -2.66
N LYS D 207 -8.17 4.49 -2.37
CA LYS D 207 -8.26 3.85 -1.07
C LYS D 207 -7.19 2.75 -1.19
N VAL D 208 -5.99 3.16 -0.79
CA VAL D 208 -4.76 2.37 -0.81
C VAL D 208 -4.12 2.11 0.58
N ASP D 209 -3.60 0.91 0.77
CA ASP D 209 -2.93 0.53 2.02
C ASP D 209 -1.43 0.44 1.79
N LYS D 210 -0.68 0.64 2.86
CA LYS D 210 0.75 0.54 2.79
C LYS D 210 1.27 -0.13 4.06
N LYS D 211 1.58 -1.41 3.96
CA LYS D 211 2.12 -2.13 5.09
C LYS D 211 3.55 -1.65 5.30
N ILE D 212 3.94 -1.51 6.55
CA ILE D 212 5.29 -1.07 6.92
C ILE D 212 6.20 -2.26 7.19
N VAL D 213 7.24 -2.36 6.35
CA VAL D 213 8.24 -3.42 6.37
C VAL D 213 9.62 -2.93 6.84
N PRO D 214 10.28 -3.68 7.75
CA PRO D 214 11.61 -3.30 8.24
C PRO D 214 12.55 -3.03 7.05
N ARG D 215 13.32 -1.96 7.13
CA ARG D 215 14.25 -1.59 6.07
C ARG D 215 15.32 -2.63 5.75
#